data_7EBW
#
_entry.id   7EBW
#
_cell.length_a   151.314
_cell.length_b   151.314
_cell.length_c   146.147
_cell.angle_alpha   90.000
_cell.angle_beta   90.000
_cell.angle_gamma   90.000
#
_symmetry.space_group_name_H-M   'I 41 2 2'
#
loop_
_entity.id
_entity.type
_entity.pdbx_description
1 polymer 'Glutathione transferase'
2 non-polymer GLUTATHIONE
3 non-polymer 6,7-dihydroxy-3-(4-hydroxyphenyl)-4H-chromen-4-one
4 non-polymer 'CALCIUM ION'
5 water water
#
_entity_poly.entity_id   1
_entity_poly.type   'polypeptide(L)'
_entity_poly.pdbx_seq_one_letter_code
;MNHKVHMMSKPVLYYDDISPPVRGVLLTVAALGIKDQVELKLVRLFEREHLLEDFVKLNPLHAVPVLKHDDLVLTDSHAI
IMYLCDIFGQDGDFSLKDPKQRARVHNRLCFNNAVLFQRESIVMRGLINRSIVTLEDHHLKPVQEAYDCLEVYLTNSKFV
ACDQLTVADFPIVACMSTVGMVCPLSTSRWPKTAAWFETMKQLPYYQQANQVGVDKLKERLHAVMKK
;
_entity_poly.pdbx_strand_id   A,B,C,D
#
loop_
_chem_comp.id
_chem_comp.type
_chem_comp.name
_chem_comp.formula
674 non-polymer 6,7-dihydroxy-3-(4-hydroxyphenyl)-4H-chromen-4-one 'C15 H10 O5'
CA non-polymer 'CALCIUM ION' 'Ca 2'
GSH non-polymer GLUTATHIONE 'C10 H17 N3 O6 S'
#
# COMPACT_ATOMS: atom_id res chain seq x y z
N MET A 7 7.26 0.79 24.97
CA MET A 7 8.05 -0.43 24.74
C MET A 7 7.36 -1.68 25.27
N MET A 8 6.21 -1.50 25.93
CA MET A 8 5.37 -2.64 26.24
C MET A 8 5.00 -3.38 24.95
N SER A 9 4.91 -4.69 25.06
CA SER A 9 4.49 -5.51 23.93
C SER A 9 3.00 -5.33 23.69
N LYS A 10 2.64 -4.88 22.50
CA LYS A 10 1.21 -4.78 22.23
C LYS A 10 0.70 -6.04 21.56
N PRO A 11 -0.39 -6.62 22.03
CA PRO A 11 -1.04 -7.70 21.28
C PRO A 11 -1.45 -7.19 19.91
N VAL A 12 -1.37 -8.08 18.92
CA VAL A 12 -1.82 -7.81 17.55
C VAL A 12 -3.02 -8.69 17.25
N LEU A 13 -4.14 -8.06 16.84
CA LEU A 13 -5.38 -8.78 16.53
C LEU A 13 -5.57 -8.86 15.01
N TYR A 14 -5.49 -10.08 14.46
CA TYR A 14 -5.75 -10.29 13.04
C TYR A 14 -7.24 -10.47 12.84
N TYR A 15 -7.86 -9.67 11.96
CA TYR A 15 -9.31 -9.53 12.10
C TYR A 15 -9.97 -9.16 10.78
N ASP A 16 -11.24 -9.51 10.69
CA ASP A 16 -12.19 -8.99 9.71
C ASP A 16 -13.50 -8.82 10.46
N ASP A 17 -14.02 -7.58 10.57
CA ASP A 17 -15.14 -7.37 11.49
C ASP A 17 -16.50 -7.79 10.93
N ILE A 18 -16.56 -8.36 9.73
CA ILE A 18 -17.77 -9.06 9.32
C ILE A 18 -17.99 -10.35 10.12
N SER A 19 -16.91 -10.88 10.71
CA SER A 19 -16.94 -12.12 11.49
C SER A 19 -17.50 -11.86 12.89
N PRO A 20 -18.57 -12.55 13.32
CA PRO A 20 -19.05 -12.40 14.71
C PRO A 20 -17.96 -12.71 15.74
N PRO A 21 -17.19 -13.81 15.60
CA PRO A 21 -16.09 -14.03 16.55
C PRO A 21 -15.15 -12.85 16.68
N VAL A 22 -14.80 -12.23 15.54
CA VAL A 22 -13.98 -11.02 15.60
C VAL A 22 -14.69 -9.93 16.39
N ARG A 23 -15.99 -9.72 16.12
CA ARG A 23 -16.69 -8.61 16.77
C ARG A 23 -16.87 -8.87 18.26
N GLY A 24 -16.94 -10.13 18.69
CA GLY A 24 -16.89 -10.41 20.11
C GLY A 24 -15.62 -9.84 20.75
N VAL A 25 -14.48 -9.96 20.06
CA VAL A 25 -13.23 -9.41 20.56
C VAL A 25 -13.23 -7.89 20.50
N LEU A 26 -13.65 -7.32 19.36
CA LEU A 26 -13.70 -5.86 19.24
C LEU A 26 -14.54 -5.25 20.36
N LEU A 27 -15.73 -5.81 20.58
CA LEU A 27 -16.56 -5.38 21.70
C LEU A 27 -15.81 -5.45 23.03
N THR A 28 -15.12 -6.56 23.28
CA THR A 28 -14.31 -6.72 24.48
C THR A 28 -13.21 -5.66 24.58
N VAL A 29 -12.47 -5.43 23.48
CA VAL A 29 -11.39 -4.44 23.49
C VAL A 29 -11.93 -3.06 23.90
N ALA A 30 -13.07 -2.67 23.34
CA ALA A 30 -13.67 -1.38 23.70
C ALA A 30 -14.14 -1.38 25.14
N ALA A 31 -14.84 -2.45 25.56
CA ALA A 31 -15.35 -2.50 26.93
C ALA A 31 -14.23 -2.44 27.95
N LEU A 32 -13.09 -3.06 27.66
CA LEU A 32 -11.97 -3.00 28.59
C LEU A 32 -11.19 -1.69 28.50
N GLY A 33 -11.52 -0.82 27.55
CA GLY A 33 -10.79 0.42 27.37
C GLY A 33 -9.37 0.22 26.91
N ILE A 34 -9.13 -0.74 26.01
CA ILE A 34 -7.77 -1.03 25.58
C ILE A 34 -7.62 -0.90 24.07
N LYS A 35 -8.46 -0.08 23.44
CA LYS A 35 -8.35 0.10 21.98
C LYS A 35 -6.98 0.62 21.57
N ASP A 36 -6.31 1.35 22.46
CA ASP A 36 -4.99 1.86 22.15
C ASP A 36 -3.88 0.88 22.47
N GLN A 37 -4.16 -0.18 23.22
CA GLN A 37 -3.14 -1.17 23.56
C GLN A 37 -3.14 -2.37 22.64
N VAL A 38 -4.11 -2.49 21.74
CA VAL A 38 -4.21 -3.64 20.85
C VAL A 38 -4.11 -3.11 19.42
N GLU A 39 -3.06 -3.51 18.73
CA GLU A 39 -2.92 -3.17 17.31
C GLU A 39 -3.78 -4.11 16.47
N LEU A 40 -4.33 -3.57 15.39
CA LEU A 40 -5.17 -4.34 14.49
C LEU A 40 -4.39 -4.62 13.21
N LYS A 41 -4.67 -5.78 12.62
CA LYS A 41 -4.12 -6.13 11.31
C LYS A 41 -5.23 -6.79 10.51
N LEU A 42 -5.68 -6.10 9.48
CA LEU A 42 -6.83 -6.54 8.72
C LEU A 42 -6.48 -7.77 7.90
N VAL A 43 -7.34 -8.77 7.93
CA VAL A 43 -7.18 -9.99 7.15
C VAL A 43 -8.55 -10.21 6.50
N ARG A 44 -8.69 -9.80 5.24
CA ARG A 44 -9.99 -9.72 4.60
C ARG A 44 -10.42 -11.09 4.08
N LEU A 45 -11.55 -11.59 4.60
CA LEU A 45 -12.01 -12.93 4.24
C LEU A 45 -12.44 -13.00 2.78
N PHE A 46 -13.24 -12.03 2.31
CA PHE A 46 -13.69 -12.09 0.93
C PHE A 46 -12.56 -11.83 -0.05
N GLU A 47 -11.44 -11.26 0.40
CA GLU A 47 -10.27 -11.19 -0.46
C GLU A 47 -9.43 -12.45 -0.43
N ARG A 48 -9.71 -13.36 0.53
CA ARG A 48 -9.00 -14.61 0.75
C ARG A 48 -7.59 -14.40 1.31
N GLU A 49 -7.40 -13.28 2.03
CA GLU A 49 -6.13 -13.05 2.72
C GLU A 49 -5.90 -14.04 3.85
N HIS A 50 -6.94 -14.73 4.32
CA HIS A 50 -6.73 -15.76 5.35
C HIS A 50 -6.13 -17.02 4.77
N LEU A 51 -6.01 -17.13 3.45
CA LEU A 51 -5.42 -18.29 2.82
C LEU A 51 -3.98 -18.05 2.40
N LEU A 52 -3.45 -16.85 2.63
CA LEU A 52 -2.05 -16.57 2.32
C LEU A 52 -1.12 -17.41 3.19
N GLU A 53 0.05 -17.74 2.65
CA GLU A 53 0.95 -18.69 3.33
C GLU A 53 1.36 -18.20 4.72
N ASP A 54 1.62 -16.90 4.87
CA ASP A 54 1.98 -16.39 6.20
C ASP A 54 0.85 -16.62 7.21
N PHE A 55 -0.39 -16.33 6.82
CA PHE A 55 -1.48 -16.46 7.79
C PHE A 55 -1.77 -17.91 8.12
N VAL A 56 -1.65 -18.80 7.13
CA VAL A 56 -1.88 -20.21 7.38
C VAL A 56 -0.81 -20.76 8.29
N LYS A 57 0.45 -20.32 8.10
CA LYS A 57 1.52 -20.65 9.04
C LYS A 57 1.21 -20.11 10.43
N LEU A 58 0.64 -18.91 10.50
CA LEU A 58 0.26 -18.39 11.80
C LEU A 58 -0.89 -19.18 12.41
N ASN A 59 -1.87 -19.60 11.60
CA ASN A 59 -3.08 -20.26 12.10
C ASN A 59 -3.52 -21.31 11.07
N PRO A 60 -3.18 -22.58 11.28
CA PRO A 60 -3.59 -23.63 10.32
C PRO A 60 -5.09 -23.75 10.11
N LEU A 61 -5.90 -23.20 11.00
CA LEU A 61 -7.35 -23.14 10.81
C LEU A 61 -7.76 -22.08 9.80
N HIS A 62 -6.83 -21.23 9.36
CA HIS A 62 -7.08 -20.18 8.38
C HIS A 62 -8.39 -19.43 8.68
N ALA A 63 -8.50 -18.95 9.91
CA ALA A 63 -9.70 -18.24 10.35
C ALA A 63 -9.31 -17.05 11.21
N VAL A 64 -10.23 -16.07 11.26
CA VAL A 64 -10.09 -14.90 12.11
C VAL A 64 -11.13 -14.99 13.22
N PRO A 65 -10.85 -14.49 14.43
CA PRO A 65 -9.63 -13.73 14.76
C PRO A 65 -8.41 -14.55 15.18
N VAL A 66 -7.25 -13.92 15.12
CA VAL A 66 -6.03 -14.43 15.72
C VAL A 66 -5.43 -13.31 16.57
N LEU A 67 -4.85 -13.68 17.71
CA LEU A 67 -4.12 -12.73 18.53
C LEU A 67 -2.69 -13.22 18.66
N LYS A 68 -1.73 -12.37 18.31
CA LYS A 68 -0.33 -12.64 18.57
C LYS A 68 0.17 -11.70 19.66
N HIS A 69 0.77 -12.24 20.70
CA HIS A 69 1.33 -11.41 21.77
C HIS A 69 2.67 -11.98 22.15
N ASP A 70 3.75 -11.30 21.73
CA ASP A 70 5.10 -11.84 21.79
C ASP A 70 5.07 -13.12 20.98
N ASP A 71 5.38 -14.27 21.54
CA ASP A 71 5.35 -15.52 20.82
C ASP A 71 4.04 -16.29 21.04
N LEU A 72 3.12 -15.74 21.83
CA LEU A 72 1.83 -16.38 22.05
C LEU A 72 0.92 -16.15 20.85
N VAL A 73 0.33 -17.23 20.34
CA VAL A 73 -0.60 -17.13 19.23
C VAL A 73 -1.91 -17.81 19.65
N LEU A 74 -2.96 -17.02 19.84
CA LEU A 74 -4.29 -17.54 20.15
C LEU A 74 -5.12 -17.54 18.87
N THR A 75 -5.83 -18.64 18.63
CA THR A 75 -6.52 -18.87 17.37
C THR A 75 -7.99 -19.16 17.60
N ASP A 76 -8.57 -18.52 18.60
CA ASP A 76 -10.01 -18.61 18.86
C ASP A 76 -10.42 -17.36 19.61
N SER A 77 -11.45 -16.69 19.11
CA SER A 77 -11.95 -15.47 19.74
C SER A 77 -12.18 -15.63 21.23
N HIS A 78 -12.64 -16.82 21.65
CA HIS A 78 -13.04 -17.01 23.04
C HIS A 78 -11.82 -17.06 23.95
N ALA A 79 -10.74 -17.70 23.50
CA ALA A 79 -9.49 -17.67 24.23
C ALA A 79 -8.84 -16.28 24.19
N ILE A 80 -8.97 -15.57 23.07
CA ILE A 80 -8.46 -14.20 23.00
C ILE A 80 -9.15 -13.32 24.05
N ILE A 81 -10.46 -13.47 24.19
CA ILE A 81 -11.23 -12.63 25.10
C ILE A 81 -10.81 -12.88 26.55
N MET A 82 -10.67 -14.16 26.92
CA MET A 82 -10.30 -14.47 28.30
C MET A 82 -8.89 -13.96 28.59
N TYR A 83 -7.99 -14.09 27.62
CA TYR A 83 -6.61 -13.66 27.81
C TYR A 83 -6.54 -12.13 27.97
N LEU A 84 -7.27 -11.39 27.15
CA LEU A 84 -7.27 -9.93 27.29
C LEU A 84 -7.82 -9.49 28.67
N CYS A 85 -8.86 -10.18 29.16
CA CYS A 85 -9.31 -9.93 30.54
C CYS A 85 -8.21 -10.17 31.57
N ASP A 86 -7.48 -11.28 31.42
CA ASP A 86 -6.45 -11.58 32.40
C ASP A 86 -5.40 -10.49 32.46
N ILE A 87 -4.90 -10.04 31.31
CA ILE A 87 -3.75 -9.15 31.37
C ILE A 87 -4.12 -7.67 31.40
N PHE A 88 -5.36 -7.31 31.05
CA PHE A 88 -5.78 -5.90 31.06
C PHE A 88 -6.97 -5.61 31.96
N GLY A 89 -7.72 -6.62 32.40
CA GLY A 89 -8.93 -6.33 33.16
C GLY A 89 -8.99 -6.89 34.57
N GLN A 90 -7.85 -7.26 35.16
CA GLN A 90 -7.88 -7.95 36.46
C GLN A 90 -8.46 -7.07 37.55
N ASP A 91 -8.29 -5.76 37.46
CA ASP A 91 -8.66 -4.85 38.55
C ASP A 91 -9.92 -4.05 38.28
N GLY A 92 -10.69 -4.41 37.25
CA GLY A 92 -11.87 -3.65 36.88
C GLY A 92 -13.16 -4.43 36.93
N ASP A 93 -14.20 -3.90 36.26
CA ASP A 93 -15.54 -4.45 36.37
C ASP A 93 -15.71 -5.77 35.63
N PHE A 94 -14.77 -6.12 34.75
CA PHE A 94 -14.81 -7.35 33.98
C PHE A 94 -13.83 -8.38 34.52
N SER A 95 -13.32 -8.17 35.73
CA SER A 95 -12.33 -9.05 36.31
C SER A 95 -12.81 -10.49 36.35
N LEU A 96 -11.90 -11.41 36.05
CA LEU A 96 -12.13 -12.85 36.14
C LEU A 96 -11.27 -13.47 37.24
N LYS A 97 -10.82 -12.69 38.22
CA LYS A 97 -9.90 -13.23 39.23
C LYS A 97 -10.59 -14.31 40.07
N ASP A 98 -11.85 -14.13 40.41
CA ASP A 98 -12.56 -15.13 41.20
C ASP A 98 -12.80 -16.40 40.39
N PRO A 99 -12.46 -17.59 40.93
CA PRO A 99 -12.56 -18.82 40.13
C PRO A 99 -13.97 -19.18 39.70
N LYS A 100 -14.98 -18.93 40.55
CA LYS A 100 -16.35 -19.22 40.16
C LYS A 100 -16.85 -18.23 39.12
N GLN A 101 -16.50 -16.96 39.28
CA GLN A 101 -16.84 -15.96 38.28
C GLN A 101 -16.19 -16.28 36.93
N ARG A 102 -14.91 -16.65 36.96
CA ARG A 102 -14.26 -17.04 35.72
C ARG A 102 -14.95 -18.21 35.07
N ALA A 103 -15.35 -19.21 35.87
CA ALA A 103 -16.01 -20.39 35.31
C ALA A 103 -17.38 -20.06 34.73
N ARG A 104 -18.15 -19.18 35.40
CA ARG A 104 -19.45 -18.75 34.88
C ARG A 104 -19.31 -18.09 33.51
N VAL A 105 -18.32 -17.20 33.39
CA VAL A 105 -18.09 -16.52 32.13
C VAL A 105 -17.60 -17.51 31.08
N HIS A 106 -16.63 -18.35 31.46
CA HIS A 106 -16.11 -19.33 30.50
C HIS A 106 -17.22 -20.27 30.01
N ASN A 107 -18.13 -20.66 30.92
CA ASN A 107 -19.24 -21.56 30.56
C ASN A 107 -20.10 -20.96 29.44
N ARG A 108 -20.37 -19.66 29.51
CA ARG A 108 -21.16 -19.03 28.45
C ARG A 108 -20.34 -18.73 27.21
N LEU A 109 -19.03 -18.48 27.34
CA LEU A 109 -18.19 -18.46 26.13
C LEU A 109 -18.27 -19.79 25.39
N CYS A 110 -18.22 -20.90 26.15
CA CYS A 110 -18.35 -22.24 25.55
C CYS A 110 -19.69 -22.39 24.86
N PHE A 111 -20.77 -21.91 25.50
CA PHE A 111 -22.08 -21.94 24.86
C PHE A 111 -22.03 -21.20 23.52
N ASN A 112 -21.37 -20.04 23.47
CA ASN A 112 -21.33 -19.34 22.19
C ASN A 112 -20.48 -20.10 21.18
N ASN A 113 -19.28 -20.51 21.60
CA ASN A 113 -18.36 -21.18 20.68
C ASN A 113 -18.95 -22.49 20.17
N ALA A 114 -19.55 -23.28 21.04
CA ALA A 114 -19.92 -24.65 20.70
C ALA A 114 -21.36 -24.82 20.27
N VAL A 115 -22.24 -23.87 20.57
CA VAL A 115 -23.65 -24.04 20.27
C VAL A 115 -24.13 -22.91 19.35
N LEU A 116 -24.17 -21.69 19.87
CA LEU A 116 -24.80 -20.58 19.13
C LEU A 116 -24.03 -20.25 17.86
N PHE A 117 -22.73 -20.01 17.98
CA PHE A 117 -21.95 -19.68 16.78
C PHE A 117 -21.87 -20.87 15.84
N GLN A 118 -21.77 -22.09 16.37
CA GLN A 118 -21.75 -23.25 15.48
C GLN A 118 -22.99 -23.27 14.61
N ARG A 119 -24.15 -23.01 15.21
CA ARG A 119 -25.40 -23.06 14.46
C ARG A 119 -25.56 -21.87 13.54
N GLU A 120 -25.10 -20.70 13.97
CA GLU A 120 -25.08 -19.54 13.09
C GLU A 120 -24.20 -19.78 11.87
N SER A 121 -23.04 -20.40 12.09
N SER A 121 -23.05 -20.42 12.10
CA SER A 121 -22.06 -20.51 11.02
CA SER A 121 -22.03 -20.54 11.06
C SER A 121 -22.46 -21.54 9.97
C SER A 121 -22.45 -21.54 9.98
N ILE A 122 -23.12 -22.63 10.37
CA ILE A 122 -23.64 -23.56 9.36
C ILE A 122 -24.55 -22.85 8.38
N VAL A 123 -25.42 -21.99 8.88
CA VAL A 123 -26.38 -21.32 8.01
C VAL A 123 -25.67 -20.22 7.21
N MET A 124 -24.89 -19.39 7.91
CA MET A 124 -24.22 -18.28 7.24
C MET A 124 -23.21 -18.75 6.20
N ARG A 125 -22.41 -19.78 6.52
CA ARG A 125 -21.45 -20.29 5.55
C ARG A 125 -22.15 -20.87 4.33
N GLY A 126 -23.26 -21.60 4.56
CA GLY A 126 -24.01 -22.14 3.44
C GLY A 126 -24.60 -21.06 2.55
N LEU A 127 -25.11 -19.99 3.17
CA LEU A 127 -25.65 -18.88 2.40
C LEU A 127 -24.55 -18.19 1.58
N ILE A 128 -23.42 -17.90 2.22
CA ILE A 128 -22.34 -17.16 1.56
C ILE A 128 -21.80 -17.95 0.37
N ASN A 129 -21.52 -19.24 0.56
CA ASN A 129 -20.98 -20.04 -0.52
C ASN A 129 -22.05 -20.64 -1.41
N ARG A 130 -23.29 -20.14 -1.31
CA ARG A 130 -24.42 -20.55 -2.14
C ARG A 130 -24.76 -22.03 -1.99
N SER A 131 -24.30 -22.68 -0.92
CA SER A 131 -24.76 -24.03 -0.62
C SER A 131 -26.25 -24.08 -0.29
N ILE A 132 -26.83 -22.98 0.18
CA ILE A 132 -28.26 -22.89 0.47
C ILE A 132 -28.82 -21.66 -0.21
N VAL A 133 -29.94 -21.83 -0.90
CA VAL A 133 -30.63 -20.71 -1.52
C VAL A 133 -31.90 -20.33 -0.76
N THR A 134 -32.56 -21.27 -0.10
CA THR A 134 -33.79 -21.02 0.65
C THR A 134 -33.66 -21.63 2.04
N LEU A 135 -34.06 -20.87 3.06
CA LEU A 135 -33.93 -21.30 4.45
C LEU A 135 -35.10 -22.19 4.85
N GLU A 136 -34.79 -23.44 5.18
CA GLU A 136 -35.79 -24.39 5.67
C GLU A 136 -35.70 -24.54 7.19
N ASP A 137 -36.72 -25.19 7.76
CA ASP A 137 -36.78 -25.38 9.21
C ASP A 137 -35.57 -26.14 9.73
N HIS A 138 -35.02 -27.06 8.94
CA HIS A 138 -33.77 -27.72 9.32
C HIS A 138 -32.65 -26.72 9.58
N HIS A 139 -32.78 -25.50 9.05
CA HIS A 139 -31.74 -24.49 9.22
C HIS A 139 -31.95 -23.64 10.45
N LEU A 140 -33.19 -23.21 10.69
CA LEU A 140 -33.44 -22.24 11.76
C LEU A 140 -33.82 -22.88 13.09
N LYS A 141 -34.31 -24.12 13.09
CA LYS A 141 -34.72 -24.74 14.35
C LYS A 141 -33.57 -24.84 15.33
N PRO A 142 -32.35 -25.25 14.95
CA PRO A 142 -31.26 -25.28 15.95
C PRO A 142 -30.96 -23.90 16.52
N VAL A 143 -31.08 -22.85 15.71
CA VAL A 143 -30.89 -21.49 16.20
C VAL A 143 -31.95 -21.13 17.24
N GLN A 144 -33.21 -21.51 16.98
CA GLN A 144 -34.28 -21.22 17.93
C GLN A 144 -34.11 -22.01 19.22
N GLU A 145 -33.58 -23.23 19.13
CA GLU A 145 -33.25 -23.99 20.34
C GLU A 145 -32.21 -23.24 21.17
N ALA A 146 -31.20 -22.66 20.50
CA ALA A 146 -30.19 -21.86 21.20
C ALA A 146 -30.82 -20.63 21.85
N TYR A 147 -31.77 -19.98 21.15
CA TYR A 147 -32.50 -18.86 21.75
C TYR A 147 -33.22 -19.32 23.02
N ASP A 148 -33.85 -20.49 22.97
CA ASP A 148 -34.53 -21.04 24.16
C ASP A 148 -33.57 -21.16 25.34
N CYS A 149 -32.33 -21.63 25.10
CA CYS A 149 -31.37 -21.74 26.18
C CYS A 149 -30.96 -20.36 26.68
N LEU A 150 -30.62 -19.46 25.76
CA LEU A 150 -30.27 -18.11 26.14
C LEU A 150 -31.38 -17.46 26.97
N GLU A 151 -32.64 -17.68 26.59
CA GLU A 151 -33.77 -17.14 27.36
C GLU A 151 -33.79 -17.67 28.80
N VAL A 152 -33.45 -18.94 28.98
CA VAL A 152 -33.32 -19.48 30.34
C VAL A 152 -32.20 -18.76 31.09
N TYR A 153 -31.04 -18.61 30.46
CA TYR A 153 -29.94 -17.96 31.16
C TYR A 153 -30.34 -16.54 31.58
N LEU A 154 -31.03 -15.82 30.71
CA LEU A 154 -31.41 -14.43 30.98
C LEU A 154 -32.65 -14.33 31.86
N THR A 155 -33.26 -15.46 32.19
CA THR A 155 -34.24 -15.50 33.27
C THR A 155 -33.56 -15.67 34.61
N ASN A 156 -32.49 -16.46 34.64
CA ASN A 156 -31.78 -16.70 35.90
C ASN A 156 -30.84 -15.56 36.24
N SER A 157 -30.34 -14.81 35.26
CA SER A 157 -29.54 -13.63 35.60
C SER A 157 -29.81 -12.53 34.59
N LYS A 158 -29.38 -11.33 34.97
CA LYS A 158 -29.72 -10.13 34.21
C LYS A 158 -28.95 -10.09 32.89
N PHE A 159 -27.72 -10.58 32.91
CA PHE A 159 -26.90 -10.76 31.72
C PHE A 159 -26.55 -12.24 31.60
N VAL A 160 -25.83 -12.60 30.53
CA VAL A 160 -25.80 -14.01 30.12
C VAL A 160 -25.17 -14.89 31.21
N ALA A 161 -24.18 -14.37 31.92
CA ALA A 161 -23.44 -15.18 32.89
C ALA A 161 -23.74 -14.84 34.33
N CYS A 162 -24.19 -13.63 34.63
CA CYS A 162 -24.52 -13.23 36.00
C CYS A 162 -25.29 -11.92 35.91
N ASP A 163 -25.51 -11.28 37.05
CA ASP A 163 -26.33 -10.08 37.03
C ASP A 163 -25.61 -8.85 36.48
N GLN A 164 -24.31 -8.93 36.30
CA GLN A 164 -23.54 -7.84 35.73
C GLN A 164 -23.11 -8.21 34.32
N LEU A 165 -22.90 -7.17 33.50
CA LEU A 165 -22.26 -7.36 32.21
C LEU A 165 -20.88 -7.98 32.39
N THR A 166 -20.57 -8.97 31.55
CA THR A 166 -19.26 -9.62 31.51
C THR A 166 -18.83 -9.77 30.06
N VAL A 167 -17.58 -10.18 29.85
CA VAL A 167 -17.11 -10.35 28.48
C VAL A 167 -17.84 -11.48 27.76
N ALA A 168 -18.55 -12.35 28.49
CA ALA A 168 -19.33 -13.39 27.80
C ALA A 168 -20.53 -12.81 27.04
N ASP A 169 -21.03 -11.65 27.44
CA ASP A 169 -22.13 -11.07 26.68
C ASP A 169 -21.71 -10.66 25.28
N PHE A 170 -20.41 -10.38 25.07
CA PHE A 170 -20.00 -9.76 23.81
C PHE A 170 -19.94 -10.76 22.64
N PRO A 171 -19.34 -11.96 22.78
CA PRO A 171 -19.46 -12.92 21.67
C PRO A 171 -20.90 -13.30 21.37
N ILE A 172 -21.71 -13.47 22.41
CA ILE A 172 -23.09 -13.86 22.18
C ILE A 172 -23.85 -12.74 21.46
N VAL A 173 -23.62 -11.47 21.82
CA VAL A 173 -24.37 -10.44 21.11
C VAL A 173 -23.82 -10.26 19.68
N ALA A 174 -22.52 -10.44 19.45
CA ALA A 174 -22.02 -10.43 18.09
C ALA A 174 -22.72 -11.48 17.24
N CYS A 175 -22.86 -12.69 17.77
N CYS A 175 -22.88 -12.68 17.80
CA CYS A 175 -23.59 -13.74 17.07
CA CYS A 175 -23.57 -13.75 17.09
C CYS A 175 -25.05 -13.37 16.90
C CYS A 175 -25.05 -13.46 16.94
N MET A 176 -25.67 -12.92 18.00
CA MET A 176 -27.12 -12.72 17.99
C MET A 176 -27.47 -11.69 16.93
N SER A 177 -26.67 -10.63 16.82
CA SER A 177 -26.90 -9.57 15.85
C SER A 177 -26.61 -10.02 14.43
N THR A 178 -25.98 -11.18 14.26
CA THR A 178 -25.71 -11.72 12.93
C THR A 178 -26.79 -12.71 12.51
N VAL A 179 -27.00 -13.76 13.30
CA VAL A 179 -28.00 -14.74 12.92
C VAL A 179 -29.39 -14.13 12.97
N GLY A 180 -29.54 -13.01 13.67
CA GLY A 180 -30.83 -12.32 13.72
C GLY A 180 -31.33 -11.89 12.35
N MET A 181 -30.42 -11.61 11.42
CA MET A 181 -30.87 -11.22 10.09
C MET A 181 -31.56 -12.35 9.33
N VAL A 182 -31.31 -13.62 9.66
CA VAL A 182 -32.04 -14.71 9.03
C VAL A 182 -33.01 -15.40 9.98
N CYS A 183 -32.90 -15.20 11.29
CA CYS A 183 -33.77 -15.86 12.27
C CYS A 183 -34.13 -14.84 13.33
N PRO A 184 -35.11 -13.97 13.04
CA PRO A 184 -35.33 -12.81 13.88
C PRO A 184 -35.85 -13.20 15.25
N LEU A 185 -35.40 -12.45 16.26
CA LEU A 185 -35.87 -12.65 17.62
C LEU A 185 -37.31 -12.14 17.75
N SER A 186 -38.18 -12.94 18.36
CA SER A 186 -39.55 -12.53 18.66
C SER A 186 -39.62 -12.12 20.12
N THR A 187 -39.96 -10.84 20.38
CA THR A 187 -40.00 -10.38 21.76
C THR A 187 -41.08 -11.11 22.56
N SER A 188 -42.07 -11.70 21.89
CA SER A 188 -43.12 -12.41 22.59
C SER A 188 -42.66 -13.82 22.95
N ARG A 189 -41.90 -14.47 22.07
CA ARG A 189 -41.39 -15.79 22.34
C ARG A 189 -40.15 -15.78 23.22
N TRP A 190 -39.32 -14.73 23.13
CA TRP A 190 -38.06 -14.62 23.88
C TRP A 190 -37.95 -13.23 24.50
N PRO A 191 -38.81 -12.90 25.47
CA PRO A 191 -38.82 -11.53 25.99
C PRO A 191 -37.56 -11.13 26.75
N LYS A 192 -37.00 -12.02 27.58
CA LYS A 192 -35.80 -11.65 28.32
C LYS A 192 -34.63 -11.43 27.37
N THR A 193 -34.54 -12.27 26.34
CA THR A 193 -33.46 -12.13 25.35
C THR A 193 -33.61 -10.84 24.54
N ALA A 194 -34.84 -10.53 24.11
CA ALA A 194 -35.06 -9.27 23.39
C ALA A 194 -34.66 -8.07 24.25
N ALA A 195 -35.13 -8.04 25.51
CA ALA A 195 -34.75 -6.93 26.38
C ALA A 195 -33.23 -6.85 26.57
N TRP A 196 -32.57 -7.99 26.76
CA TRP A 196 -31.11 -7.99 26.87
C TRP A 196 -30.46 -7.47 25.59
N PHE A 197 -30.98 -7.92 24.43
CA PHE A 197 -30.43 -7.48 23.15
C PHE A 197 -30.52 -5.97 23.01
N GLU A 198 -31.69 -5.42 23.33
CA GLU A 198 -31.88 -3.98 23.21
C GLU A 198 -30.92 -3.25 24.13
N THR A 199 -30.74 -3.77 25.35
CA THR A 199 -29.77 -3.19 26.27
C THR A 199 -28.37 -3.20 25.67
N MET A 200 -27.97 -4.30 25.03
CA MET A 200 -26.58 -4.34 24.60
C MET A 200 -26.33 -3.35 23.46
N LYS A 201 -27.33 -3.20 22.57
CA LYS A 201 -27.22 -2.25 21.46
C LYS A 201 -26.98 -0.82 21.94
N GLN A 202 -27.29 -0.53 23.20
CA GLN A 202 -27.16 0.81 23.72
C GLN A 202 -25.79 1.09 24.33
N LEU A 203 -24.93 0.08 24.45
CA LEU A 203 -23.57 0.34 24.88
C LEU A 203 -22.94 1.34 23.92
N PRO A 204 -22.19 2.34 24.42
CA PRO A 204 -21.66 3.38 23.53
C PRO A 204 -20.73 2.86 22.44
N TYR A 205 -20.02 1.76 22.70
CA TYR A 205 -19.10 1.18 21.71
C TYR A 205 -19.77 0.16 20.79
N TYR A 206 -21.07 -0.10 20.96
CA TYR A 206 -21.73 -1.10 20.14
C TYR A 206 -21.67 -0.76 18.66
N GLN A 207 -21.85 0.52 18.32
CA GLN A 207 -21.94 0.91 16.91
C GLN A 207 -20.64 0.63 16.17
N GLN A 208 -19.52 1.12 16.70
CA GLN A 208 -18.25 0.98 16.01
C GLN A 208 -17.69 -0.43 16.15
N ALA A 209 -17.91 -1.10 17.28
CA ALA A 209 -17.32 -2.42 17.45
C ALA A 209 -18.15 -3.53 16.83
N ASN A 210 -19.45 -3.33 16.65
CA ASN A 210 -20.23 -4.45 16.17
C ASN A 210 -21.13 -4.10 14.99
N GLN A 211 -21.78 -2.93 15.03
CA GLN A 211 -22.78 -2.65 14.00
C GLN A 211 -22.14 -2.46 12.63
N VAL A 212 -20.99 -1.77 12.57
CA VAL A 212 -20.28 -1.61 11.30
C VAL A 212 -20.13 -2.97 10.62
N GLY A 213 -19.59 -3.95 11.34
CA GLY A 213 -19.35 -5.26 10.74
C GLY A 213 -20.62 -5.98 10.34
N VAL A 214 -21.67 -5.86 11.16
CA VAL A 214 -22.95 -6.45 10.80
C VAL A 214 -23.48 -5.85 9.50
N ASP A 215 -23.42 -4.51 9.39
CA ASP A 215 -23.89 -3.83 8.18
C ASP A 215 -23.14 -4.28 6.94
N LYS A 216 -21.82 -4.49 7.05
CA LYS A 216 -21.06 -4.99 5.90
C LYS A 216 -21.52 -6.40 5.53
N LEU A 217 -21.76 -7.25 6.52
CA LEU A 217 -22.20 -8.61 6.22
C LEU A 217 -23.60 -8.61 5.62
N LYS A 218 -24.48 -7.74 6.14
CA LYS A 218 -25.82 -7.61 5.57
C LYS A 218 -25.74 -7.26 4.09
N GLU A 219 -24.82 -6.37 3.73
CA GLU A 219 -24.63 -6.01 2.34
C GLU A 219 -24.13 -7.20 1.53
N ARG A 220 -23.19 -7.98 2.09
CA ARG A 220 -22.73 -9.19 1.41
C ARG A 220 -23.86 -10.20 1.25
N LEU A 221 -24.74 -10.30 2.25
CA LEU A 221 -25.85 -11.25 2.13
C LEU A 221 -26.88 -10.79 1.11
N HIS A 222 -27.15 -9.48 1.06
CA HIS A 222 -28.05 -8.95 0.05
C HIS A 222 -27.54 -9.25 -1.36
N ALA A 223 -26.22 -9.20 -1.55
CA ALA A 223 -25.63 -9.52 -2.84
C ALA A 223 -25.87 -10.98 -3.20
N VAL A 224 -25.64 -11.90 -2.24
CA VAL A 224 -25.77 -13.33 -2.52
C VAL A 224 -27.20 -13.82 -2.49
N MET A 225 -28.13 -13.06 -1.94
CA MET A 225 -29.54 -13.45 -2.01
C MET A 225 -30.30 -12.52 -2.93
N VAL B 5 -1.00 7.81 -27.67
CA VAL B 5 -2.07 8.20 -26.75
C VAL B 5 -1.49 8.77 -25.45
N HIS B 6 -2.17 9.80 -24.91
CA HIS B 6 -1.79 10.39 -23.63
C HIS B 6 -2.43 9.55 -22.53
N MET B 7 -1.64 8.68 -21.92
CA MET B 7 -2.10 7.92 -20.77
C MET B 7 -1.98 8.72 -19.48
N MET B 8 -2.95 8.51 -18.60
CA MET B 8 -3.00 9.23 -17.33
C MET B 8 -1.86 8.84 -16.40
N SER B 9 -1.72 7.54 -16.14
CA SER B 9 -0.83 7.03 -15.11
C SER B 9 0.39 6.34 -15.73
N LYS B 10 1.31 5.96 -14.83
CA LYS B 10 2.48 5.13 -15.15
C LYS B 10 2.04 3.68 -15.25
N PRO B 11 2.59 2.90 -16.19
CA PRO B 11 2.29 1.45 -16.19
C PRO B 11 2.76 0.82 -14.89
N VAL B 12 1.99 -0.14 -14.39
CA VAL B 12 2.32 -0.85 -13.16
C VAL B 12 2.51 -2.33 -13.48
N LEU B 13 3.67 -2.85 -13.11
CA LEU B 13 4.08 -4.22 -13.38
C LEU B 13 3.96 -5.04 -12.10
N TYR B 14 3.00 -5.98 -12.09
CA TYR B 14 2.83 -6.96 -11.03
C TYR B 14 3.77 -8.12 -11.31
N TYR B 15 4.69 -8.40 -10.38
CA TYR B 15 5.82 -9.26 -10.74
C TYR B 15 6.28 -10.10 -9.55
N ASP B 16 6.93 -11.21 -9.89
CA ASP B 16 7.81 -11.95 -8.99
C ASP B 16 9.01 -12.37 -9.83
N ASP B 17 10.22 -11.93 -9.44
CA ASP B 17 11.32 -12.12 -10.39
C ASP B 17 11.90 -13.53 -10.36
N ILE B 18 11.34 -14.47 -9.59
CA ILE B 18 11.71 -15.85 -9.81
C ILE B 18 11.14 -16.39 -11.12
N SER B 19 10.12 -15.73 -11.67
CA SER B 19 9.42 -16.17 -12.88
C SER B 19 10.22 -15.75 -14.11
N PRO B 20 10.53 -16.67 -15.03
CA PRO B 20 11.24 -16.26 -16.27
C PRO B 20 10.42 -15.29 -17.10
N PRO B 21 9.11 -15.55 -17.33
CA PRO B 21 8.29 -14.50 -17.96
C PRO B 21 8.49 -13.12 -17.34
N VAL B 22 8.52 -13.02 -16.01
CA VAL B 22 8.72 -11.72 -15.36
C VAL B 22 10.09 -11.15 -15.74
N ARG B 23 11.14 -11.95 -15.65
CA ARG B 23 12.48 -11.43 -15.90
C ARG B 23 12.67 -11.02 -17.35
N GLY B 24 11.94 -11.66 -18.28
CA GLY B 24 11.94 -11.16 -19.64
C GLY B 24 11.52 -9.70 -19.71
N VAL B 25 10.48 -9.34 -18.94
CA VAL B 25 10.03 -7.96 -18.86
C VAL B 25 11.08 -7.10 -18.15
N LEU B 26 11.60 -7.58 -17.02
CA LEU B 26 12.58 -6.79 -16.27
C LEU B 26 13.80 -6.46 -17.13
N LEU B 27 14.29 -7.43 -17.91
CA LEU B 27 15.41 -7.15 -18.82
C LEU B 27 15.02 -6.10 -19.84
N THR B 28 13.80 -6.19 -20.36
CA THR B 28 13.30 -5.23 -21.33
C THR B 28 13.25 -3.82 -20.75
N VAL B 29 12.73 -3.70 -19.52
CA VAL B 29 12.63 -2.39 -18.88
C VAL B 29 14.01 -1.76 -18.72
N ALA B 30 15.00 -2.56 -18.30
CA ALA B 30 16.36 -2.05 -18.16
C ALA B 30 16.95 -1.70 -19.52
N ALA B 31 16.80 -2.59 -20.50
CA ALA B 31 17.32 -2.31 -21.83
C ALA B 31 16.68 -1.08 -22.45
N LEU B 32 15.40 -0.82 -22.18
CA LEU B 32 14.78 0.39 -22.71
C LEU B 32 15.06 1.63 -21.87
N GLY B 33 15.76 1.49 -20.74
CA GLY B 33 15.98 2.64 -19.88
C GLY B 33 14.70 3.29 -19.38
N ILE B 34 13.70 2.49 -19.01
CA ILE B 34 12.44 3.04 -18.54
C ILE B 34 12.16 2.60 -17.10
N LYS B 35 13.23 2.31 -16.35
CA LYS B 35 13.07 1.98 -14.94
C LYS B 35 12.27 3.06 -14.20
N ASP B 36 12.42 4.33 -14.59
CA ASP B 36 11.74 5.42 -13.92
C ASP B 36 10.31 5.65 -14.41
N GLN B 37 9.86 4.96 -15.46
CA GLN B 37 8.52 5.15 -15.99
C GLN B 37 7.59 3.97 -15.77
N VAL B 38 8.05 2.90 -15.14
CA VAL B 38 7.24 1.71 -14.92
C VAL B 38 7.34 1.42 -13.42
N GLU B 39 6.21 1.47 -12.73
CA GLU B 39 6.21 1.19 -11.30
C GLU B 39 6.13 -0.31 -11.07
N LEU B 40 6.82 -0.81 -10.04
CA LEU B 40 6.85 -2.23 -9.73
C LEU B 40 5.94 -2.52 -8.53
N LYS B 41 5.19 -3.63 -8.59
CA LYS B 41 4.34 -4.06 -7.48
C LYS B 41 4.56 -5.56 -7.27
N LEU B 42 5.17 -5.93 -6.15
CA LEU B 42 5.52 -7.32 -5.93
C LEU B 42 4.25 -8.15 -5.71
N VAL B 43 4.13 -9.27 -6.42
CA VAL B 43 3.09 -10.25 -6.19
C VAL B 43 3.84 -11.59 -6.01
N ARG B 44 3.97 -12.05 -4.77
CA ARG B 44 4.83 -13.21 -4.52
C ARG B 44 4.12 -14.53 -4.73
N LEU B 45 4.73 -15.38 -5.57
CA LEU B 45 4.16 -16.68 -5.90
C LEU B 45 4.15 -17.64 -4.71
N PHE B 46 5.29 -17.83 -4.05
CA PHE B 46 5.33 -18.80 -2.95
C PHE B 46 4.51 -18.35 -1.76
N GLU B 47 4.26 -17.05 -1.62
CA GLU B 47 3.32 -16.52 -0.63
C GLU B 47 1.87 -16.73 -1.05
N ARG B 48 1.63 -17.01 -2.35
CA ARG B 48 0.30 -17.22 -2.95
C ARG B 48 -0.49 -15.91 -3.06
N GLU B 49 0.21 -14.79 -3.24
CA GLU B 49 -0.47 -13.51 -3.44
C GLU B 49 -1.16 -13.43 -4.79
N HIS B 50 -0.77 -14.28 -5.75
CA HIS B 50 -1.44 -14.33 -7.04
C HIS B 50 -2.81 -14.99 -6.99
N LEU B 51 -3.20 -15.55 -5.83
CA LEU B 51 -4.51 -16.19 -5.69
C LEU B 51 -5.48 -15.32 -4.92
N LEU B 52 -5.04 -14.15 -4.46
CA LEU B 52 -5.93 -13.20 -3.83
C LEU B 52 -6.98 -12.70 -4.81
N GLU B 53 -8.14 -12.33 -4.26
CA GLU B 53 -9.29 -11.97 -5.08
C GLU B 53 -8.99 -10.82 -6.03
N ASP B 54 -8.28 -9.79 -5.56
CA ASP B 54 -7.98 -8.64 -6.43
C ASP B 54 -7.14 -9.02 -7.63
N PHE B 55 -6.11 -9.85 -7.41
CA PHE B 55 -5.24 -10.21 -8.53
C PHE B 55 -5.94 -11.14 -9.52
N VAL B 56 -6.70 -12.12 -9.01
CA VAL B 56 -7.49 -13.00 -9.88
C VAL B 56 -8.51 -12.19 -10.65
N LYS B 57 -9.09 -11.16 -10.03
CA LYS B 57 -9.93 -10.22 -10.75
C LYS B 57 -9.16 -9.53 -11.87
N LEU B 58 -7.94 -9.09 -11.58
CA LEU B 58 -7.12 -8.45 -12.59
C LEU B 58 -6.72 -9.43 -13.69
N ASN B 59 -6.48 -10.70 -13.33
CA ASN B 59 -5.95 -11.69 -14.26
C ASN B 59 -6.50 -13.06 -13.88
N PRO B 60 -7.56 -13.53 -14.55
CA PRO B 60 -8.08 -14.86 -14.20
C PRO B 60 -7.07 -15.99 -14.38
N LEU B 61 -6.02 -15.81 -15.20
CA LEU B 61 -4.97 -16.82 -15.28
C LEU B 61 -4.14 -16.90 -14.00
N HIS B 62 -4.31 -15.96 -13.07
CA HIS B 62 -3.60 -15.90 -11.78
C HIS B 62 -2.10 -16.18 -11.94
N ALA B 63 -1.46 -15.40 -12.81
CA ALA B 63 -0.06 -15.58 -13.15
C ALA B 63 0.61 -14.22 -13.27
N VAL B 64 1.93 -14.21 -13.07
CA VAL B 64 2.76 -13.02 -13.26
C VAL B 64 3.68 -13.24 -14.46
N PRO B 65 4.05 -12.20 -15.21
CA PRO B 65 3.64 -10.80 -14.93
C PRO B 65 2.28 -10.35 -15.46
N VAL B 66 1.85 -9.21 -14.92
CA VAL B 66 0.70 -8.45 -15.42
C VAL B 66 1.12 -7.00 -15.47
N LEU B 67 0.64 -6.27 -16.48
CA LEU B 67 0.86 -4.84 -16.59
C LEU B 67 -0.48 -4.17 -16.66
N LYS B 68 -0.68 -3.15 -15.83
N LYS B 68 -0.69 -3.18 -15.79
CA LYS B 68 -1.88 -2.33 -15.84
CA LYS B 68 -1.86 -2.33 -15.85
C LYS B 68 -1.49 -0.91 -16.19
C LYS B 68 -1.42 -0.93 -16.26
N HIS B 69 -2.07 -0.38 -17.27
CA HIS B 69 -1.77 0.98 -17.73
C HIS B 69 -3.11 1.67 -17.94
N ASP B 70 -3.50 2.50 -16.97
CA ASP B 70 -4.87 3.01 -16.91
C ASP B 70 -5.82 1.84 -17.01
N ASP B 71 -6.63 1.79 -18.06
CA ASP B 71 -7.62 0.74 -18.23
C ASP B 71 -7.07 -0.47 -18.97
N LEU B 72 -5.85 -0.41 -19.51
CA LEU B 72 -5.29 -1.54 -20.24
C LEU B 72 -4.70 -2.54 -19.25
N VAL B 73 -5.05 -3.82 -19.40
CA VAL B 73 -4.52 -4.87 -18.52
C VAL B 73 -3.93 -5.99 -19.40
N LEU B 74 -2.62 -6.11 -19.42
CA LEU B 74 -1.93 -7.13 -20.19
C LEU B 74 -1.51 -8.27 -19.27
N THR B 75 -1.80 -9.51 -19.68
CA THR B 75 -1.63 -10.68 -18.83
C THR B 75 -0.73 -11.71 -19.49
N ASP B 76 0.25 -11.25 -20.25
CA ASP B 76 1.28 -12.13 -20.80
C ASP B 76 2.54 -11.31 -21.00
N SER B 77 3.65 -11.81 -20.45
CA SER B 77 4.93 -11.07 -20.54
C SER B 77 5.27 -10.68 -21.97
N HIS B 78 4.92 -11.54 -22.94
CA HIS B 78 5.27 -11.25 -24.33
C HIS B 78 4.46 -10.08 -24.89
N ALA B 79 3.19 -9.96 -24.50
CA ALA B 79 2.42 -8.78 -24.90
C ALA B 79 2.90 -7.54 -24.13
N ILE B 80 3.26 -7.71 -22.86
CA ILE B 80 3.79 -6.58 -22.10
C ILE B 80 5.03 -6.03 -22.78
N ILE B 81 5.92 -6.91 -23.22
CA ILE B 81 7.19 -6.49 -23.81
C ILE B 81 6.95 -5.69 -25.08
N MET B 82 6.03 -6.18 -25.93
CA MET B 82 5.78 -5.54 -27.22
C MET B 82 5.15 -4.17 -27.01
N TYR B 83 4.26 -4.08 -26.02
CA TYR B 83 3.57 -2.82 -25.72
C TYR B 83 4.55 -1.78 -25.20
N LEU B 84 5.39 -2.16 -24.23
CA LEU B 84 6.40 -1.24 -23.73
C LEU B 84 7.31 -0.72 -24.85
N CYS B 85 7.67 -1.59 -25.78
CA CYS B 85 8.44 -1.14 -26.95
C CYS B 85 7.69 -0.08 -27.73
N ASP B 86 6.39 -0.29 -27.92
CA ASP B 86 5.59 0.62 -28.72
C ASP B 86 5.51 2.01 -28.09
N ILE B 87 5.21 2.07 -26.80
CA ILE B 87 4.96 3.37 -26.20
C ILE B 87 6.23 4.02 -25.64
N PHE B 88 7.29 3.26 -25.40
CA PHE B 88 8.51 3.85 -24.86
C PHE B 88 9.75 3.68 -25.74
N GLY B 89 9.70 2.85 -26.77
CA GLY B 89 10.95 2.53 -27.44
C GLY B 89 11.03 2.88 -28.92
N GLN B 90 10.05 3.61 -29.44
CA GLN B 90 9.99 3.83 -30.88
C GLN B 90 11.21 4.56 -31.44
N ASP B 91 11.95 5.28 -30.61
CA ASP B 91 13.04 6.13 -31.09
C ASP B 91 14.41 5.52 -30.89
N GLY B 92 14.55 4.45 -30.10
CA GLY B 92 15.83 3.92 -29.71
C GLY B 92 16.20 2.65 -30.45
N ASP B 93 17.16 1.92 -29.88
CA ASP B 93 17.75 0.75 -30.50
C ASP B 93 16.82 -0.45 -30.55
N PHE B 94 15.71 -0.43 -29.80
CA PHE B 94 14.79 -1.55 -29.75
C PHE B 94 13.48 -1.25 -30.45
N SER B 95 13.46 -0.21 -31.27
CA SER B 95 12.27 0.19 -32.01
C SER B 95 11.72 -0.96 -32.84
N LEU B 96 10.39 -1.10 -32.82
CA LEU B 96 9.67 -2.07 -33.65
C LEU B 96 8.83 -1.38 -34.72
N LYS B 97 9.28 -0.23 -35.22
CA LYS B 97 8.45 0.53 -36.15
C LYS B 97 8.31 -0.15 -37.50
N ASP B 98 9.36 -0.84 -37.95
CA ASP B 98 9.33 -1.50 -39.26
C ASP B 98 8.57 -2.81 -39.16
N PRO B 99 7.55 -3.04 -40.01
CA PRO B 99 6.67 -4.20 -39.81
C PRO B 99 7.37 -5.55 -39.99
N LYS B 100 8.39 -5.65 -40.85
CA LYS B 100 9.11 -6.92 -40.95
C LYS B 100 9.99 -7.15 -39.74
N GLN B 101 10.65 -6.09 -39.27
CA GLN B 101 11.45 -6.20 -38.05
C GLN B 101 10.56 -6.55 -36.86
N ARG B 102 9.38 -5.93 -36.78
CA ARG B 102 8.41 -6.26 -35.74
C ARG B 102 8.01 -7.72 -35.79
N ALA B 103 7.74 -8.24 -37.00
CA ALA B 103 7.26 -9.61 -37.12
C ALA B 103 8.35 -10.63 -36.78
N ARG B 104 9.61 -10.33 -37.13
CA ARG B 104 10.73 -11.19 -36.72
C ARG B 104 10.84 -11.26 -35.20
N VAL B 105 10.71 -10.12 -34.53
CA VAL B 105 10.77 -10.09 -33.07
C VAL B 105 9.59 -10.84 -32.47
N HIS B 106 8.36 -10.55 -32.96
CA HIS B 106 7.18 -11.25 -32.48
C HIS B 106 7.30 -12.75 -32.74
N ASN B 107 7.83 -13.13 -33.91
CA ASN B 107 8.00 -14.54 -34.21
C ASN B 107 8.85 -15.23 -33.15
N ARG B 108 9.90 -14.56 -32.70
CA ARG B 108 10.75 -15.19 -31.70
C ARG B 108 10.16 -15.11 -30.30
N LEU B 109 9.37 -14.07 -30.00
CA LEU B 109 8.63 -14.07 -28.74
C LEU B 109 7.65 -15.24 -28.69
N CYS B 110 6.97 -15.52 -29.79
CA CYS B 110 6.08 -16.69 -29.85
C CYS B 110 6.83 -17.99 -29.59
N PHE B 111 8.05 -18.10 -30.15
CA PHE B 111 8.85 -19.30 -29.90
C PHE B 111 9.12 -19.47 -28.41
N ASN B 112 9.47 -18.39 -27.71
CA ASN B 112 9.66 -18.51 -26.28
C ASN B 112 8.35 -18.88 -25.57
N ASN B 113 7.27 -18.16 -25.90
CA ASN B 113 6.02 -18.35 -25.16
C ASN B 113 5.44 -19.74 -25.39
N ALA B 114 5.52 -20.22 -26.64
CA ALA B 114 4.80 -21.42 -27.05
C ALA B 114 5.67 -22.67 -27.11
N VAL B 115 6.98 -22.54 -27.04
CA VAL B 115 7.86 -23.69 -27.17
C VAL B 115 8.80 -23.74 -25.98
N LEU B 116 9.76 -22.81 -25.91
CA LEU B 116 10.84 -22.89 -24.91
C LEU B 116 10.29 -22.77 -23.49
N PHE B 117 9.49 -21.73 -23.23
CA PHE B 117 8.95 -21.56 -21.89
C PHE B 117 7.96 -22.66 -21.54
N GLN B 118 7.16 -23.12 -22.51
CA GLN B 118 6.22 -24.20 -22.22
C GLN B 118 6.96 -25.43 -21.72
N ARG B 119 8.09 -25.76 -22.36
CA ARG B 119 8.80 -26.97 -21.98
C ARG B 119 9.57 -26.79 -20.68
N GLU B 120 10.05 -25.56 -20.43
CA GLU B 120 10.65 -25.24 -19.14
C GLU B 120 9.62 -25.34 -18.02
N SER B 121 8.42 -24.80 -18.25
N SER B 121 8.41 -24.80 -18.23
CA SER B 121 7.40 -24.71 -17.21
CA SER B 121 7.44 -24.73 -17.15
C SER B 121 6.84 -26.09 -16.87
C SER B 121 6.82 -26.09 -16.86
N ILE B 122 6.68 -26.94 -17.88
CA ILE B 122 6.30 -28.34 -17.66
C ILE B 122 7.18 -28.97 -16.60
N VAL B 123 8.49 -28.82 -16.78
CA VAL B 123 9.45 -29.44 -15.87
C VAL B 123 9.45 -28.70 -14.53
N MET B 124 9.51 -27.37 -14.58
CA MET B 124 9.76 -26.65 -13.34
C MET B 124 8.55 -26.66 -12.42
N ARG B 125 7.34 -26.57 -12.97
CA ARG B 125 6.15 -26.74 -12.14
C ARG B 125 6.11 -28.11 -11.51
N GLY B 126 6.43 -29.16 -12.28
CA GLY B 126 6.43 -30.50 -11.73
C GLY B 126 7.39 -30.66 -10.58
N LEU B 127 8.58 -30.08 -10.71
CA LEU B 127 9.56 -30.16 -9.62
C LEU B 127 9.10 -29.39 -8.39
N ILE B 128 8.49 -28.21 -8.58
CA ILE B 128 8.11 -27.37 -7.46
C ILE B 128 6.94 -27.96 -6.68
N ASN B 129 5.94 -28.48 -7.38
CA ASN B 129 4.81 -29.09 -6.68
C ASN B 129 5.02 -30.56 -6.39
N ARG B 130 6.26 -31.05 -6.53
CA ARG B 130 6.69 -32.40 -6.17
C ARG B 130 6.07 -33.49 -7.04
N SER B 131 5.34 -33.12 -8.09
CA SER B 131 4.84 -34.11 -9.04
C SER B 131 5.95 -34.77 -9.84
N ILE B 132 7.18 -34.25 -9.77
CA ILE B 132 8.34 -34.84 -10.43
C ILE B 132 9.45 -34.93 -9.41
N VAL B 133 9.90 -36.16 -9.13
CA VAL B 133 11.06 -36.39 -8.29
C VAL B 133 12.29 -36.70 -9.14
N THR B 134 12.13 -37.57 -10.14
CA THR B 134 13.21 -37.93 -11.05
C THR B 134 12.96 -37.35 -12.43
N LEU B 135 14.00 -36.81 -13.04
CA LEU B 135 13.92 -36.14 -14.34
C LEU B 135 14.19 -37.15 -15.46
N GLU B 136 13.16 -37.50 -16.21
CA GLU B 136 13.27 -38.51 -17.26
C GLU B 136 13.60 -37.86 -18.61
N ASP B 137 13.90 -38.71 -19.59
CA ASP B 137 14.20 -38.22 -20.92
C ASP B 137 13.04 -37.40 -21.49
N HIS B 138 11.80 -37.81 -21.21
CA HIS B 138 10.63 -37.07 -21.71
C HIS B 138 10.55 -35.66 -21.16
N HIS B 139 11.23 -35.38 -20.04
CA HIS B 139 11.35 -34.01 -19.54
C HIS B 139 12.42 -33.22 -20.29
N LEU B 140 13.61 -33.82 -20.46
CA LEU B 140 14.73 -33.06 -21.00
C LEU B 140 14.79 -33.04 -22.53
N LYS B 141 14.33 -34.10 -23.21
CA LYS B 141 14.41 -34.12 -24.66
C LYS B 141 13.67 -32.97 -25.33
N PRO B 142 12.45 -32.58 -24.94
CA PRO B 142 11.84 -31.41 -25.58
C PRO B 142 12.67 -30.15 -25.39
N VAL B 143 13.33 -29.98 -24.24
CA VAL B 143 14.18 -28.81 -24.02
C VAL B 143 15.37 -28.81 -24.97
N GLN B 144 16.02 -29.96 -25.15
CA GLN B 144 17.14 -30.06 -26.08
C GLN B 144 16.70 -29.81 -27.53
N GLU B 145 15.49 -30.24 -27.89
CA GLU B 145 14.99 -29.94 -29.23
C GLU B 145 14.78 -28.44 -29.41
N ALA B 146 14.32 -27.76 -28.35
CA ALA B 146 14.23 -26.31 -28.44
C ALA B 146 15.62 -25.68 -28.55
N TYR B 147 16.61 -26.23 -27.82
CA TYR B 147 18.00 -25.79 -28.00
C TYR B 147 18.41 -25.93 -29.46
N ASP B 148 18.03 -27.05 -30.10
CA ASP B 148 18.36 -27.28 -31.50
C ASP B 148 17.82 -26.16 -32.39
N CYS B 149 16.58 -25.75 -32.17
CA CYS B 149 15.99 -24.65 -32.95
C CYS B 149 16.73 -23.35 -32.68
N LEU B 150 16.98 -23.04 -31.41
CA LEU B 150 17.68 -21.80 -31.09
C LEU B 150 19.07 -21.76 -31.72
N GLU B 151 19.73 -22.91 -31.83
CA GLU B 151 21.04 -22.96 -32.49
C GLU B 151 20.92 -22.62 -33.99
N VAL B 152 19.86 -23.10 -34.65
CA VAL B 152 19.58 -22.70 -36.03
C VAL B 152 19.39 -21.19 -36.11
N TYR B 153 18.52 -20.65 -35.27
CA TYR B 153 18.26 -19.22 -35.29
C TYR B 153 19.55 -18.43 -35.15
N LEU B 154 20.41 -18.83 -34.20
CA LEU B 154 21.60 -18.04 -33.91
C LEU B 154 22.75 -18.33 -34.88
N THR B 155 22.55 -19.30 -35.78
CA THR B 155 23.41 -19.49 -36.95
C THR B 155 23.02 -18.54 -38.08
N ASN B 156 21.72 -18.31 -38.26
CA ASN B 156 21.23 -17.44 -39.31
C ASN B 156 21.30 -15.95 -38.94
N SER B 157 21.37 -15.61 -37.66
CA SER B 157 21.62 -14.22 -37.31
C SER B 157 22.38 -14.17 -35.99
N LYS B 158 22.96 -12.99 -35.72
CA LYS B 158 23.85 -12.84 -34.57
C LYS B 158 23.08 -12.96 -33.26
N PHE B 159 21.86 -12.41 -33.21
CA PHE B 159 20.97 -12.55 -32.06
C PHE B 159 19.73 -13.32 -32.51
N VAL B 160 18.76 -13.49 -31.61
CA VAL B 160 17.75 -14.52 -31.88
C VAL B 160 16.84 -14.13 -33.05
N ALA B 161 16.61 -12.84 -33.24
CA ALA B 161 15.66 -12.39 -34.26
C ALA B 161 16.31 -11.76 -35.47
N CYS B 162 17.51 -11.22 -35.33
CA CYS B 162 18.25 -10.57 -36.41
C CYS B 162 19.66 -10.30 -35.88
N ASP B 163 20.41 -9.48 -36.61
CA ASP B 163 21.83 -9.30 -36.31
C ASP B 163 22.09 -8.38 -35.13
N GLN B 164 21.06 -7.68 -34.65
CA GLN B 164 21.13 -6.79 -33.50
C GLN B 164 20.34 -7.40 -32.34
N LEU B 165 20.77 -7.10 -31.14
CA LEU B 165 19.98 -7.41 -29.95
C LEU B 165 18.61 -6.77 -30.08
N THR B 166 17.56 -7.55 -29.77
CA THR B 166 16.20 -7.04 -29.76
C THR B 166 15.51 -7.52 -28.48
N VAL B 167 14.30 -7.03 -28.24
CA VAL B 167 13.60 -7.46 -27.03
C VAL B 167 13.24 -8.93 -27.07
N ALA B 168 13.35 -9.60 -28.23
CA ALA B 168 13.11 -11.03 -28.27
C ALA B 168 14.21 -11.82 -27.55
N ASP B 169 15.44 -11.27 -27.51
CA ASP B 169 16.50 -11.97 -26.79
C ASP B 169 16.22 -12.08 -25.29
N PHE B 170 15.41 -11.19 -24.73
CA PHE B 170 15.31 -11.15 -23.27
C PHE B 170 14.43 -12.27 -22.69
N PRO B 171 13.19 -12.47 -23.17
CA PRO B 171 12.42 -13.62 -22.66
C PRO B 171 13.15 -14.93 -22.86
N ILE B 172 13.86 -15.06 -23.99
CA ILE B 172 14.52 -16.32 -24.29
C ILE B 172 15.67 -16.57 -23.31
N VAL B 173 16.47 -15.54 -23.03
CA VAL B 173 17.60 -15.74 -22.12
C VAL B 173 17.09 -15.89 -20.69
N ALA B 174 16.00 -15.19 -20.32
CA ALA B 174 15.38 -15.44 -19.02
C ALA B 174 15.01 -16.91 -18.87
N CYS B 175 14.40 -17.49 -19.90
N CYS B 175 14.43 -17.50 -19.92
CA CYS B 175 14.06 -18.91 -19.87
CA CYS B 175 14.07 -18.91 -19.85
C CYS B 175 15.33 -19.78 -19.85
C CYS B 175 15.29 -19.81 -19.91
N MET B 176 16.30 -19.43 -20.69
CA MET B 176 17.46 -20.31 -20.86
C MET B 176 18.25 -20.41 -19.57
N SER B 177 18.37 -19.28 -18.86
CA SER B 177 19.03 -19.22 -17.56
C SER B 177 18.26 -19.96 -16.48
N THR B 178 16.99 -20.27 -16.73
CA THR B 178 16.20 -20.99 -15.74
C THR B 178 16.18 -22.49 -16.02
N VAL B 179 15.80 -22.89 -17.24
CA VAL B 179 15.82 -24.31 -17.60
C VAL B 179 17.24 -24.87 -17.59
N GLY B 180 18.26 -24.02 -17.74
CA GLY B 180 19.63 -24.50 -17.69
C GLY B 180 19.97 -25.19 -16.39
N MET B 181 19.27 -24.85 -15.30
CA MET B 181 19.54 -25.47 -14.01
C MET B 181 19.18 -26.96 -14.00
N VAL B 182 18.26 -27.39 -14.85
CA VAL B 182 17.92 -28.80 -14.95
C VAL B 182 18.36 -29.43 -16.26
N CYS B 183 18.68 -28.63 -17.28
CA CYS B 183 19.09 -29.14 -18.58
C CYS B 183 20.19 -28.22 -19.08
N PRO B 184 21.42 -28.43 -18.60
CA PRO B 184 22.48 -27.47 -18.86
C PRO B 184 22.85 -27.47 -20.33
N LEU B 185 23.18 -26.28 -20.82
CA LEU B 185 23.62 -26.12 -22.19
C LEU B 185 25.04 -26.64 -22.35
N SER B 186 25.25 -27.47 -23.36
CA SER B 186 26.59 -27.95 -23.72
C SER B 186 27.18 -27.06 -24.80
N THR B 187 28.35 -26.48 -24.50
CA THR B 187 28.99 -25.56 -25.44
C THR B 187 29.40 -26.26 -26.72
N SER B 188 29.86 -27.52 -26.63
CA SER B 188 30.30 -28.19 -27.84
C SER B 188 29.12 -28.59 -28.71
N ARG B 189 27.96 -28.86 -28.11
CA ARG B 189 26.79 -29.30 -28.84
C ARG B 189 26.00 -28.11 -29.42
N TRP B 190 25.87 -27.02 -28.66
CA TRP B 190 25.17 -25.81 -29.10
C TRP B 190 26.12 -24.63 -29.05
N PRO B 191 27.12 -24.59 -29.94
CA PRO B 191 28.16 -23.55 -29.82
C PRO B 191 27.65 -22.14 -30.07
N LYS B 192 26.76 -21.93 -31.04
CA LYS B 192 26.26 -20.59 -31.27
C LYS B 192 25.38 -20.14 -30.09
N THR B 193 24.60 -21.05 -29.53
CA THR B 193 23.73 -20.69 -28.42
C THR B 193 24.53 -20.33 -27.18
N ALA B 194 25.58 -21.10 -26.90
CA ALA B 194 26.46 -20.80 -25.77
C ALA B 194 27.10 -19.42 -25.90
N ALA B 195 27.62 -19.10 -27.09
CA ALA B 195 28.28 -17.81 -27.27
C ALA B 195 27.28 -16.67 -27.10
N TRP B 196 26.07 -16.85 -27.63
CA TRP B 196 25.02 -15.87 -27.42
C TRP B 196 24.69 -15.72 -25.93
N PHE B 197 24.56 -16.86 -25.23
CA PHE B 197 24.26 -16.84 -23.81
C PHE B 197 25.30 -16.05 -23.04
N GLU B 198 26.59 -16.29 -23.35
CA GLU B 198 27.68 -15.56 -22.69
C GLU B 198 27.61 -14.07 -23.00
N THR B 199 27.36 -13.71 -24.26
CA THR B 199 27.19 -12.30 -24.62
C THR B 199 26.04 -11.69 -23.83
N MET B 200 25.01 -12.49 -23.58
CA MET B 200 23.79 -11.96 -23.04
C MET B 200 24.04 -11.65 -21.56
N LYS B 201 24.79 -12.58 -20.92
CA LYS B 201 25.19 -12.45 -19.51
C LYS B 201 26.05 -11.23 -19.24
N GLN B 202 26.79 -10.76 -20.25
CA GLN B 202 27.67 -9.62 -20.06
C GLN B 202 26.94 -8.29 -20.19
N LEU B 203 25.65 -8.29 -20.57
CA LEU B 203 24.90 -7.05 -20.59
C LEU B 203 24.90 -6.44 -19.19
N PRO B 204 25.01 -5.11 -19.08
CA PRO B 204 25.20 -4.49 -17.74
C PRO B 204 24.04 -4.73 -16.78
N TYR B 205 22.83 -4.94 -17.29
CA TYR B 205 21.65 -5.10 -16.45
C TYR B 205 21.28 -6.57 -16.24
N TYR B 206 22.13 -7.51 -16.69
CA TYR B 206 21.76 -8.93 -16.61
C TYR B 206 21.75 -9.41 -15.17
N GLN B 207 22.73 -8.97 -14.38
CA GLN B 207 22.87 -9.51 -13.02
C GLN B 207 21.66 -9.17 -12.17
N GLN B 208 21.27 -7.90 -12.14
CA GLN B 208 20.17 -7.50 -11.26
C GLN B 208 18.78 -7.75 -11.87
N ALA B 209 18.63 -7.66 -13.19
CA ALA B 209 17.33 -7.92 -13.81
C ALA B 209 17.06 -9.39 -14.07
N ASN B 210 18.07 -10.25 -14.04
CA ASN B 210 17.78 -11.66 -14.30
C ASN B 210 18.45 -12.62 -13.32
N GLN B 211 19.74 -12.41 -13.05
CA GLN B 211 20.47 -13.38 -12.23
C GLN B 211 19.93 -13.43 -10.81
N VAL B 212 19.48 -12.30 -10.26
CA VAL B 212 18.98 -12.30 -8.89
C VAL B 212 17.80 -13.25 -8.75
N GLY B 213 16.85 -13.17 -9.68
CA GLY B 213 15.69 -14.02 -9.63
C GLY B 213 16.03 -15.48 -9.88
N VAL B 214 16.94 -15.74 -10.82
CA VAL B 214 17.41 -17.11 -11.03
C VAL B 214 17.94 -17.68 -9.73
N ASP B 215 18.77 -16.91 -9.02
CA ASP B 215 19.38 -17.41 -7.77
C ASP B 215 18.30 -17.68 -6.72
N LYS B 216 17.33 -16.77 -6.58
CA LYS B 216 16.20 -17.03 -5.70
C LYS B 216 15.47 -18.31 -6.08
N LEU B 217 15.25 -18.53 -7.37
CA LEU B 217 14.56 -19.75 -7.77
C LEU B 217 15.41 -20.98 -7.48
N LYS B 218 16.73 -20.89 -7.75
CA LYS B 218 17.63 -22.01 -7.50
C LYS B 218 17.57 -22.45 -6.04
N GLU B 219 17.46 -21.49 -5.11
CA GLU B 219 17.31 -21.86 -3.70
C GLU B 219 15.99 -22.63 -3.48
N ARG B 220 14.89 -22.10 -4.00
CA ARG B 220 13.60 -22.80 -3.90
C ARG B 220 13.69 -24.20 -4.50
N LEU B 221 14.43 -24.33 -5.61
CA LEU B 221 14.61 -25.63 -6.25
C LEU B 221 15.45 -26.58 -5.38
N HIS B 222 16.57 -26.11 -4.83
CA HIS B 222 17.38 -26.98 -3.99
C HIS B 222 16.59 -27.49 -2.80
N ALA B 223 15.80 -26.60 -2.17
CA ALA B 223 15.04 -26.99 -0.99
C ALA B 223 14.04 -28.10 -1.30
N VAL B 224 13.20 -27.89 -2.31
CA VAL B 224 12.15 -28.87 -2.61
C VAL B 224 12.74 -30.18 -3.13
N MET B 225 13.87 -30.14 -3.82
CA MET B 225 14.46 -31.39 -4.32
C MET B 225 15.36 -32.11 -3.29
N LYS C 10 8.48 15.13 -4.90
CA LYS C 10 7.38 14.44 -5.59
C LYS C 10 6.15 14.22 -4.68
N PRO C 11 5.11 14.99 -4.95
CA PRO C 11 3.84 14.79 -4.22
C PRO C 11 3.22 13.45 -4.58
N VAL C 12 2.46 12.90 -3.62
CA VAL C 12 1.75 11.64 -3.78
C VAL C 12 0.24 11.92 -3.81
N LEU C 13 -0.41 11.52 -4.90
CA LEU C 13 -1.85 11.68 -5.08
C LEU C 13 -2.55 10.35 -4.85
N TYR C 14 -3.37 10.28 -3.80
CA TYR C 14 -4.23 9.14 -3.53
C TYR C 14 -5.52 9.31 -4.32
N TYR C 15 -5.84 8.33 -5.17
CA TYR C 15 -6.86 8.61 -6.18
C TYR C 15 -7.67 7.37 -6.54
N ASP C 16 -8.89 7.62 -6.99
CA ASP C 16 -9.71 6.65 -7.70
C ASP C 16 -10.40 7.45 -8.81
N ASP C 17 -10.12 7.12 -10.07
CA ASP C 17 -10.59 7.98 -11.15
C ASP C 17 -12.07 7.78 -11.50
N ILE C 18 -12.81 6.94 -10.76
CA ILE C 18 -14.27 6.99 -10.90
C ILE C 18 -14.85 8.27 -10.32
N SER C 19 -14.10 8.97 -9.42
CA SER C 19 -14.52 10.12 -8.63
C SER C 19 -14.34 11.40 -9.43
N PRO C 20 -15.37 12.24 -9.58
CA PRO C 20 -15.18 13.52 -10.33
C PRO C 20 -14.15 14.41 -9.67
N PRO C 21 -14.19 14.63 -8.34
CA PRO C 21 -13.09 15.40 -7.73
C PRO C 21 -11.71 14.87 -8.10
N VAL C 22 -11.51 13.55 -8.11
CA VAL C 22 -10.21 12.98 -8.51
C VAL C 22 -9.89 13.36 -9.94
N ARG C 23 -10.87 13.21 -10.84
CA ARG C 23 -10.60 13.48 -12.26
C ARG C 23 -10.33 14.96 -12.49
N GLY C 24 -10.88 15.85 -11.66
CA GLY C 24 -10.48 17.24 -11.75
C GLY C 24 -8.98 17.41 -11.58
N VAL C 25 -8.39 16.64 -10.66
CA VAL C 25 -6.95 16.69 -10.43
C VAL C 25 -6.19 16.05 -11.58
N LEU C 26 -6.65 14.88 -12.05
CA LEU C 26 -5.94 14.18 -13.11
C LEU C 26 -5.91 15.03 -14.38
N LEU C 27 -7.04 15.67 -14.71
CA LEU C 27 -7.07 16.57 -15.84
C LEU C 27 -6.07 17.71 -15.68
N THR C 28 -5.97 18.25 -14.46
CA THR C 28 -5.06 19.36 -14.19
C THR C 28 -3.61 18.93 -14.38
N VAL C 29 -3.26 17.77 -13.83
CA VAL C 29 -1.90 17.24 -13.96
C VAL C 29 -1.51 17.11 -15.43
N ALA C 30 -2.40 16.52 -16.24
CA ALA C 30 -2.08 16.39 -17.66
C ALA C 30 -2.00 17.75 -18.34
N ALA C 31 -2.89 18.67 -17.98
CA ALA C 31 -2.90 19.99 -18.59
C ALA C 31 -1.61 20.75 -18.28
N LEU C 32 -1.17 20.70 -17.02
CA LEU C 32 0.10 21.31 -16.63
C LEU C 32 1.31 20.58 -17.20
N GLY C 33 1.13 19.37 -17.73
CA GLY C 33 2.25 18.58 -18.19
C GLY C 33 3.18 18.17 -17.06
N ILE C 34 2.64 17.75 -15.92
CA ILE C 34 3.46 17.34 -14.78
C ILE C 34 3.15 15.89 -14.39
N LYS C 35 2.85 15.06 -15.37
CA LYS C 35 2.58 13.65 -15.07
C LYS C 35 3.79 12.98 -14.43
N ASP C 36 5.00 13.37 -14.84
CA ASP C 36 6.18 12.73 -14.26
C ASP C 36 6.55 13.30 -12.90
N GLN C 37 5.84 14.33 -12.42
CA GLN C 37 6.17 15.03 -11.18
C GLN C 37 5.27 14.66 -10.01
N VAL C 38 4.18 13.93 -10.26
CA VAL C 38 3.23 13.54 -9.23
C VAL C 38 3.15 12.01 -9.20
N GLU C 39 3.38 11.42 -8.05
CA GLU C 39 3.29 9.97 -7.90
C GLU C 39 1.85 9.59 -7.55
N LEU C 40 1.33 8.56 -8.22
CA LEU C 40 -0.05 8.15 -8.07
C LEU C 40 -0.14 6.89 -7.23
N LYS C 41 -1.16 6.83 -6.39
CA LYS C 41 -1.41 5.67 -5.55
C LYS C 41 -2.89 5.40 -5.56
N LEU C 42 -3.30 4.25 -6.07
CA LEU C 42 -4.72 3.94 -6.18
C LEU C 42 -5.31 3.68 -4.79
N VAL C 43 -6.45 4.29 -4.52
CA VAL C 43 -7.23 4.07 -3.30
C VAL C 43 -8.66 3.89 -3.81
N ARG C 44 -9.10 2.63 -3.99
CA ARG C 44 -10.32 2.33 -4.73
C ARG C 44 -11.54 2.35 -3.82
N LEU C 45 -12.56 3.10 -4.23
CA LEU C 45 -13.74 3.31 -3.38
C LEU C 45 -14.59 2.04 -3.29
N PHE C 46 -14.85 1.37 -4.41
CA PHE C 46 -15.66 0.16 -4.37
C PHE C 46 -14.92 -0.99 -3.68
N GLU C 47 -13.61 -0.86 -3.53
CA GLU C 47 -12.81 -1.75 -2.70
C GLU C 47 -12.79 -1.32 -1.25
N ARG C 48 -13.41 -0.17 -0.95
CA ARG C 48 -13.42 0.44 0.37
C ARG C 48 -12.03 0.69 0.91
N GLU C 49 -11.07 1.02 0.03
CA GLU C 49 -9.73 1.32 0.52
C GLU C 49 -9.66 2.71 1.18
N HIS C 50 -10.60 3.60 0.87
CA HIS C 50 -10.68 4.90 1.55
C HIS C 50 -11.06 4.77 3.03
N LEU C 51 -11.46 3.58 3.48
CA LEU C 51 -11.83 3.34 4.87
C LEU C 51 -10.77 2.57 5.63
N LEU C 52 -9.64 2.26 4.99
CA LEU C 52 -8.55 1.57 5.67
C LEU C 52 -7.94 2.46 6.74
N GLU C 53 -7.38 1.82 7.77
CA GLU C 53 -7.00 2.55 8.97
C GLU C 53 -6.01 3.69 8.66
N ASP C 54 -4.97 3.39 7.88
CA ASP C 54 -3.93 4.40 7.63
C ASP C 54 -4.45 5.55 6.77
N PHE C 55 -5.34 5.27 5.81
CA PHE C 55 -5.85 6.34 4.97
C PHE C 55 -6.77 7.27 5.76
N VAL C 56 -7.58 6.71 6.66
CA VAL C 56 -8.42 7.54 7.52
C VAL C 56 -7.55 8.40 8.44
N LYS C 57 -6.42 7.87 8.92
CA LYS C 57 -5.49 8.69 9.69
C LYS C 57 -4.97 9.83 8.84
N LEU C 58 -4.70 9.55 7.56
CA LEU C 58 -4.27 10.59 6.65
C LEU C 58 -5.37 11.62 6.42
N ASN C 59 -6.61 11.16 6.23
CA ASN C 59 -7.74 12.04 5.92
C ASN C 59 -8.97 11.57 6.70
N PRO C 60 -9.31 12.24 7.80
CA PRO C 60 -10.50 11.85 8.56
C PRO C 60 -11.79 11.94 7.76
N LEU C 61 -11.80 12.67 6.65
CA LEU C 61 -12.97 12.68 5.78
C LEU C 61 -13.11 11.40 4.97
N HIS C 62 -12.09 10.53 5.00
CA HIS C 62 -12.10 9.24 4.28
C HIS C 62 -12.66 9.38 2.87
N ALA C 63 -12.09 10.32 2.11
CA ALA C 63 -12.49 10.58 0.73
C ALA C 63 -11.24 10.79 -0.12
N VAL C 64 -11.42 10.58 -1.42
CA VAL C 64 -10.37 10.80 -2.40
C VAL C 64 -10.79 12.01 -3.25
N PRO C 65 -9.87 12.83 -3.74
CA PRO C 65 -8.43 12.64 -3.63
C PRO C 65 -7.79 13.27 -2.39
N VAL C 66 -6.57 12.81 -2.11
CA VAL C 66 -5.70 13.38 -1.10
C VAL C 66 -4.34 13.58 -1.76
N LEU C 67 -3.67 14.69 -1.47
CA LEU C 67 -2.31 14.92 -1.91
C LEU C 67 -1.43 15.05 -0.68
N LYS C 68 -0.39 14.24 -0.58
CA LYS C 68 0.59 14.38 0.50
C LYS C 68 1.93 14.78 -0.09
N HIS C 69 2.41 15.94 0.31
CA HIS C 69 3.69 16.46 -0.12
C HIS C 69 4.50 16.71 1.15
N ASP C 70 5.43 15.81 1.44
CA ASP C 70 6.10 15.75 2.74
C ASP C 70 5.07 15.77 3.86
N ASP C 71 5.06 16.80 4.72
CA ASP C 71 4.08 16.84 5.80
C ASP C 71 2.81 17.59 5.41
N LEU C 72 2.73 18.14 4.20
CA LEU C 72 1.52 18.81 3.74
C LEU C 72 0.51 17.78 3.25
N VAL C 73 -0.64 17.69 3.92
CA VAL C 73 -1.72 16.78 3.53
C VAL C 73 -2.92 17.62 3.11
N LEU C 74 -3.18 17.66 1.80
CA LEU C 74 -4.35 18.32 1.23
C LEU C 74 -5.47 17.30 1.04
N THR C 75 -6.67 17.64 1.52
CA THR C 75 -7.81 16.71 1.54
C THR C 75 -9.02 17.25 0.77
N ASP C 76 -8.76 17.99 -0.30
CA ASP C 76 -9.83 18.44 -1.18
C ASP C 76 -9.25 18.67 -2.56
N SER C 77 -9.89 18.08 -3.58
CA SER C 77 -9.42 18.19 -4.96
C SER C 77 -9.12 19.63 -5.35
N HIS C 78 -9.94 20.58 -4.88
CA HIS C 78 -9.79 21.96 -5.34
C HIS C 78 -8.57 22.63 -4.73
N ALA C 79 -8.23 22.29 -3.49
CA ALA C 79 -7.00 22.79 -2.91
C ALA C 79 -5.78 22.13 -3.53
N ILE C 80 -5.91 20.85 -3.89
CA ILE C 80 -4.83 20.11 -4.54
C ILE C 80 -4.48 20.78 -5.88
N ILE C 81 -5.50 21.11 -6.66
CA ILE C 81 -5.33 21.75 -7.96
C ILE C 81 -4.61 23.08 -7.83
N MET C 82 -5.02 23.89 -6.85
CA MET C 82 -4.45 25.23 -6.76
C MET C 82 -2.99 25.12 -6.33
N TYR C 83 -2.71 24.18 -5.43
CA TYR C 83 -1.35 23.98 -4.97
C TYR C 83 -0.43 23.49 -6.09
N LEU C 84 -0.90 22.53 -6.89
CA LEU C 84 -0.10 22.06 -8.04
C LEU C 84 0.18 23.19 -9.02
N CYS C 85 -0.81 24.06 -9.25
CA CYS C 85 -0.61 25.23 -10.10
C CYS C 85 0.50 26.13 -9.57
N ASP C 86 0.53 26.33 -8.25
CA ASP C 86 1.49 27.29 -7.68
C ASP C 86 2.92 26.75 -7.75
N ILE C 87 3.13 25.47 -7.46
CA ILE C 87 4.49 24.98 -7.45
C ILE C 87 4.95 24.39 -8.78
N PHE C 88 4.04 24.11 -9.71
CA PHE C 88 4.42 23.47 -10.97
C PHE C 88 4.03 24.26 -12.21
N GLY C 89 3.25 25.32 -12.09
CA GLY C 89 2.74 25.97 -13.28
C GLY C 89 2.95 27.47 -13.38
N GLN C 90 3.88 28.01 -12.59
CA GLN C 90 4.06 29.46 -12.52
C GLN C 90 4.50 30.07 -13.85
N ASP C 91 5.15 29.30 -14.72
CA ASP C 91 5.56 29.76 -16.04
C ASP C 91 4.80 28.93 -17.05
N GLY C 92 3.59 29.35 -17.38
CA GLY C 92 2.76 28.61 -18.30
C GLY C 92 1.45 29.32 -18.54
N ASP C 93 0.61 28.70 -19.37
CA ASP C 93 -0.68 29.30 -19.70
C ASP C 93 -1.74 29.02 -18.63
N PHE C 94 -1.41 28.29 -17.58
CA PHE C 94 -2.34 28.01 -16.49
C PHE C 94 -1.96 28.73 -15.20
N SER C 95 -1.08 29.73 -15.29
CA SER C 95 -0.54 30.33 -14.08
C SER C 95 -1.58 31.18 -13.39
N LEU C 96 -1.56 31.14 -12.06
CA LEU C 96 -2.44 31.95 -11.23
C LEU C 96 -1.66 33.06 -10.53
N LYS C 97 -0.63 33.59 -11.21
CA LYS C 97 0.22 34.60 -10.58
C LYS C 97 -0.52 35.92 -10.39
N ASP C 98 -1.35 36.30 -11.35
CA ASP C 98 -2.12 37.54 -11.21
C ASP C 98 -3.24 37.37 -10.18
N PRO C 99 -3.35 38.25 -9.18
CA PRO C 99 -4.38 38.07 -8.13
C PRO C 99 -5.82 38.08 -8.64
N LYS C 100 -6.15 38.98 -9.56
CA LYS C 100 -7.49 39.02 -10.13
C LYS C 100 -7.83 37.70 -10.84
N GLN C 101 -6.90 37.24 -11.69
CA GLN C 101 -7.11 36.00 -12.43
C GLN C 101 -7.21 34.81 -11.49
N ARG C 102 -6.31 34.74 -10.51
CA ARG C 102 -6.40 33.70 -9.49
C ARG C 102 -7.78 33.70 -8.83
N ALA C 103 -8.29 34.89 -8.48
CA ALA C 103 -9.58 34.95 -7.79
C ALA C 103 -10.71 34.44 -8.67
N ARG C 104 -10.67 34.75 -9.97
CA ARG C 104 -11.73 34.27 -10.87
C ARG C 104 -11.72 32.75 -10.96
N VAL C 105 -10.52 32.17 -11.04
CA VAL C 105 -10.40 30.71 -11.07
C VAL C 105 -10.90 30.13 -9.74
N HIS C 106 -10.40 30.64 -8.61
CA HIS C 106 -10.82 30.11 -7.32
C HIS C 106 -12.34 30.23 -7.14
N ASN C 107 -12.92 31.34 -7.62
CA ASN C 107 -14.37 31.53 -7.55
C ASN C 107 -15.13 30.40 -8.26
N ARG C 108 -14.63 29.94 -9.41
CA ARG C 108 -15.33 28.84 -10.09
C ARG C 108 -15.01 27.49 -9.46
N LEU C 109 -13.81 27.34 -8.88
CA LEU C 109 -13.53 26.15 -8.09
C LEU C 109 -14.51 26.04 -6.94
N CYS C 110 -14.81 27.17 -6.28
CA CYS C 110 -15.79 27.15 -5.19
C CYS C 110 -17.16 26.74 -5.71
N PHE C 111 -17.57 27.29 -6.86
CA PHE C 111 -18.83 26.90 -7.48
C PHE C 111 -18.90 25.39 -7.70
N ASN C 112 -17.82 24.79 -8.20
CA ASN C 112 -17.86 23.34 -8.40
C ASN C 112 -17.99 22.60 -7.07
N ASN C 113 -17.16 22.98 -6.09
CA ASN C 113 -17.05 22.22 -4.84
C ASN C 113 -18.32 22.34 -4.00
N ALA C 114 -18.91 23.54 -3.99
CA ALA C 114 -20.00 23.84 -3.08
C ALA C 114 -21.36 23.81 -3.77
N VAL C 115 -21.40 23.81 -5.09
CA VAL C 115 -22.68 23.86 -5.79
C VAL C 115 -22.79 22.65 -6.70
N LEU C 116 -22.02 22.63 -7.79
CA LEU C 116 -22.22 21.60 -8.80
C LEU C 116 -21.92 20.21 -8.24
N PHE C 117 -20.74 20.02 -7.67
CA PHE C 117 -20.41 18.70 -7.15
C PHE C 117 -21.31 18.31 -5.97
N GLN C 118 -21.67 19.27 -5.13
CA GLN C 118 -22.55 18.93 -4.01
C GLN C 118 -23.88 18.35 -4.52
N ARG C 119 -24.41 18.92 -5.59
CA ARG C 119 -25.67 18.42 -6.11
C ARG C 119 -25.48 17.14 -6.91
N GLU C 120 -24.32 16.97 -7.56
CA GLU C 120 -24.00 15.70 -8.19
C GLU C 120 -23.84 14.59 -7.16
N SER C 121 -23.19 14.91 -6.03
CA SER C 121 -22.90 13.92 -5.00
C SER C 121 -24.19 13.35 -4.40
N ILE C 122 -25.15 14.21 -4.07
CA ILE C 122 -26.41 13.73 -3.50
C ILE C 122 -27.04 12.69 -4.43
N VAL C 123 -27.14 13.02 -5.71
CA VAL C 123 -27.76 12.11 -6.67
C VAL C 123 -26.95 10.83 -6.81
N MET C 124 -25.64 10.96 -7.01
CA MET C 124 -24.86 9.78 -7.38
C MET C 124 -24.61 8.89 -6.17
N ARG C 125 -24.40 9.47 -4.97
CA ARG C 125 -24.31 8.65 -3.77
C ARG C 125 -25.61 7.90 -3.50
N GLY C 126 -26.74 8.56 -3.71
CA GLY C 126 -28.02 7.90 -3.49
C GLY C 126 -28.26 6.74 -4.43
N LEU C 127 -27.89 6.90 -5.70
CA LEU C 127 -28.00 5.79 -6.65
C LEU C 127 -27.14 4.61 -6.19
N ILE C 128 -25.88 4.88 -5.86
CA ILE C 128 -24.94 3.79 -5.58
C ILE C 128 -25.35 3.03 -4.34
N ASN C 129 -25.73 3.74 -3.27
CA ASN C 129 -26.10 3.04 -2.05
C ASN C 129 -27.57 2.59 -2.04
N ARG C 130 -28.26 2.78 -3.16
CA ARG C 130 -29.61 2.25 -3.43
C ARG C 130 -30.70 3.00 -2.67
N SER C 131 -30.39 4.15 -2.04
CA SER C 131 -31.45 4.93 -1.41
C SER C 131 -32.30 5.67 -2.45
N ILE C 132 -31.77 5.90 -3.64
CA ILE C 132 -32.53 6.40 -4.78
C ILE C 132 -32.65 5.25 -5.77
N VAL C 133 -33.88 4.80 -6.01
CA VAL C 133 -34.16 3.82 -7.05
C VAL C 133 -34.66 4.48 -8.32
N THR C 134 -35.70 5.31 -8.22
CA THR C 134 -36.20 6.09 -9.34
C THR C 134 -35.82 7.55 -9.15
N LEU C 135 -35.23 8.13 -10.19
CA LEU C 135 -34.80 9.52 -10.12
C LEU C 135 -36.00 10.45 -10.21
N GLU C 136 -36.24 11.21 -9.15
CA GLU C 136 -37.29 12.21 -9.18
C GLU C 136 -36.84 13.40 -10.01
N ASP C 137 -37.74 13.92 -10.85
CA ASP C 137 -37.49 15.24 -11.43
C ASP C 137 -37.22 16.25 -10.33
N HIS C 138 -37.71 15.98 -9.11
CA HIS C 138 -37.23 16.69 -7.93
C HIS C 138 -35.72 16.59 -7.77
N HIS C 139 -35.16 15.37 -7.90
CA HIS C 139 -33.74 15.14 -7.70
C HIS C 139 -32.88 15.95 -8.67
N LEU C 140 -33.39 16.16 -9.88
CA LEU C 140 -32.62 16.74 -10.96
C LEU C 140 -32.68 18.25 -10.98
N LYS C 141 -33.70 18.84 -10.36
CA LYS C 141 -33.87 20.29 -10.45
C LYS C 141 -32.67 21.06 -9.90
N PRO C 142 -32.03 20.68 -8.79
CA PRO C 142 -30.84 21.44 -8.36
C PRO C 142 -29.66 21.35 -9.32
N VAL C 143 -29.47 20.19 -9.95
CA VAL C 143 -28.44 20.08 -10.99
C VAL C 143 -28.78 21.01 -12.14
N GLN C 144 -30.06 21.05 -12.53
CA GLN C 144 -30.46 21.92 -13.63
C GLN C 144 -30.27 23.38 -13.26
N GLU C 145 -30.55 23.75 -12.00
CA GLU C 145 -30.25 25.12 -11.61
C GLU C 145 -28.76 25.42 -11.70
N ALA C 146 -27.92 24.41 -11.45
CA ALA C 146 -26.49 24.64 -11.56
C ALA C 146 -26.06 24.80 -13.02
N TYR C 147 -26.66 24.00 -13.92
CA TYR C 147 -26.44 24.20 -15.35
C TYR C 147 -26.82 25.61 -15.77
N ASP C 148 -27.94 26.12 -15.25
CA ASP C 148 -28.36 27.47 -15.61
C ASP C 148 -27.28 28.48 -15.23
N CYS C 149 -26.68 28.36 -14.04
CA CYS C 149 -25.60 29.27 -13.67
C CYS C 149 -24.39 29.08 -14.58
N LEU C 150 -24.01 27.84 -14.83
CA LEU C 150 -22.89 27.57 -15.74
C LEU C 150 -23.16 28.16 -17.13
N GLU C 151 -24.41 28.07 -17.61
CA GLU C 151 -24.76 28.67 -18.90
C GLU C 151 -24.51 30.18 -18.90
N VAL C 152 -24.83 30.83 -17.77
CA VAL C 152 -24.53 32.25 -17.60
C VAL C 152 -23.03 32.51 -17.65
N TYR C 153 -22.25 31.73 -16.89
CA TYR C 153 -20.81 31.95 -16.87
C TYR C 153 -20.24 31.81 -18.29
N LEU C 154 -20.66 30.78 -19.01
CA LEU C 154 -20.17 30.52 -20.35
C LEU C 154 -20.78 31.46 -21.40
N THR C 155 -21.70 32.31 -21.00
CA THR C 155 -22.15 33.38 -21.87
C THR C 155 -21.28 34.62 -21.74
N ASN C 156 -20.71 34.88 -20.55
CA ASN C 156 -19.90 36.08 -20.33
C ASN C 156 -18.42 35.85 -20.62
N SER C 157 -17.98 34.60 -20.72
CA SER C 157 -16.60 34.29 -21.08
C SER C 157 -16.58 32.94 -21.78
N LYS C 158 -15.52 32.71 -22.57
CA LYS C 158 -15.50 31.53 -23.42
C LYS C 158 -15.25 30.25 -22.63
N PHE C 159 -14.49 30.32 -21.56
CA PHE C 159 -14.37 29.20 -20.63
C PHE C 159 -14.98 29.60 -19.29
N VAL C 160 -14.86 28.73 -18.29
CA VAL C 160 -15.73 28.90 -17.12
C VAL C 160 -15.34 30.12 -16.30
N ALA C 161 -14.06 30.50 -16.30
CA ALA C 161 -13.58 31.60 -15.47
C ALA C 161 -13.10 32.82 -16.27
N CYS C 162 -12.73 32.64 -17.53
CA CYS C 162 -12.34 33.73 -18.40
C CYS C 162 -12.37 33.22 -19.83
N ASP C 163 -11.86 34.03 -20.76
CA ASP C 163 -11.91 33.63 -22.16
C ASP C 163 -10.86 32.58 -22.50
N GLN C 164 -10.00 32.21 -21.56
CA GLN C 164 -9.01 31.16 -21.77
C GLN C 164 -9.33 29.95 -20.91
N LEU C 165 -8.81 28.79 -21.33
CA LEU C 165 -8.89 27.59 -20.53
C LEU C 165 -8.08 27.71 -19.25
N THR C 166 -8.68 27.36 -18.11
CA THR C 166 -8.00 27.43 -16.83
C THR C 166 -8.24 26.13 -16.06
N VAL C 167 -7.55 25.98 -14.94
CA VAL C 167 -7.76 24.76 -14.16
C VAL C 167 -9.18 24.69 -13.60
N ALA C 168 -9.90 25.82 -13.51
CA ALA C 168 -11.28 25.77 -13.02
C ALA C 168 -12.18 24.99 -13.97
N ASP C 169 -11.81 24.88 -15.24
CA ASP C 169 -12.60 24.12 -16.20
C ASP C 169 -12.56 22.61 -15.90
N PHE C 170 -11.48 22.12 -15.26
CA PHE C 170 -11.33 20.66 -15.17
C PHE C 170 -12.24 20.05 -14.09
N PRO C 171 -12.29 20.58 -12.86
CA PRO C 171 -13.26 20.02 -11.89
C PRO C 171 -14.67 20.08 -12.40
N ILE C 172 -15.03 21.17 -13.08
CA ILE C 172 -16.40 21.32 -13.56
C ILE C 172 -16.70 20.30 -14.65
N VAL C 173 -15.80 20.15 -15.64
CA VAL C 173 -16.08 19.17 -16.68
C VAL C 173 -16.10 17.75 -16.11
N ALA C 174 -15.26 17.46 -15.12
CA ALA C 174 -15.31 16.14 -14.48
C ALA C 174 -16.68 15.89 -13.87
N CYS C 175 -17.24 16.88 -13.18
N CYS C 175 -17.24 16.89 -13.21
CA CYS C 175 -18.58 16.72 -12.62
CA CYS C 175 -18.57 16.73 -12.62
C CYS C 175 -19.63 16.63 -13.71
C CYS C 175 -19.64 16.66 -13.68
N MET C 176 -19.56 17.53 -14.70
CA MET C 176 -20.57 17.57 -15.76
C MET C 176 -20.62 16.26 -16.51
N SER C 177 -19.44 15.71 -16.82
CA SER C 177 -19.33 14.43 -17.51
C SER C 177 -19.81 13.26 -16.66
N THR C 178 -19.98 13.45 -15.35
CA THR C 178 -20.51 12.41 -14.48
C THR C 178 -22.02 12.54 -14.31
N VAL C 179 -22.49 13.72 -13.87
CA VAL C 179 -23.92 13.89 -13.63
C VAL C 179 -24.69 13.86 -14.95
N GLY C 180 -23.98 14.02 -16.07
CA GLY C 180 -24.61 13.90 -17.37
C GLY C 180 -25.30 12.58 -17.61
N MET C 181 -24.86 11.49 -16.95
CA MET C 181 -25.51 10.21 -17.26
C MET C 181 -26.88 10.08 -16.60
N VAL C 182 -27.20 10.90 -15.59
CA VAL C 182 -28.52 10.91 -14.99
C VAL C 182 -29.28 12.20 -15.23
N CYS C 183 -28.64 13.23 -15.77
CA CYS C 183 -29.30 14.52 -16.02
C CYS C 183 -28.64 15.12 -17.25
N PRO C 184 -29.02 14.64 -18.44
CA PRO C 184 -28.21 14.93 -19.63
C PRO C 184 -28.34 16.37 -20.07
N LEU C 185 -27.27 16.86 -20.69
CA LEU C 185 -27.15 18.25 -21.09
C LEU C 185 -27.78 18.42 -22.47
N SER C 186 -28.73 19.34 -22.55
CA SER C 186 -29.48 19.58 -23.78
C SER C 186 -28.90 20.80 -24.49
N THR C 187 -28.57 20.63 -25.77
CA THR C 187 -28.04 21.74 -26.55
C THR C 187 -29.10 22.82 -26.77
N SER C 188 -30.36 22.41 -26.94
CA SER C 188 -31.43 23.39 -27.07
C SER C 188 -31.59 24.22 -25.79
N ARG C 189 -31.39 23.61 -24.63
CA ARG C 189 -31.65 24.30 -23.38
C ARG C 189 -30.42 24.98 -22.79
N TRP C 190 -29.22 24.41 -22.98
CA TRP C 190 -27.97 25.02 -22.50
C TRP C 190 -26.95 25.00 -23.62
N PRO C 191 -27.14 25.85 -24.64
CA PRO C 191 -26.23 25.77 -25.81
C PRO C 191 -24.80 26.17 -25.53
N LYS C 192 -24.55 27.18 -24.68
CA LYS C 192 -23.17 27.60 -24.42
C LYS C 192 -22.43 26.53 -23.63
N THR C 193 -23.13 25.89 -22.70
CA THR C 193 -22.53 24.84 -21.90
C THR C 193 -22.25 23.61 -22.75
N ALA C 194 -23.25 23.17 -23.52
CA ALA C 194 -23.08 22.04 -24.43
C ALA C 194 -21.87 22.23 -25.33
N ALA C 195 -21.68 23.43 -25.88
CA ALA C 195 -20.58 23.68 -26.80
C ALA C 195 -19.24 23.66 -26.07
N TRP C 196 -19.20 24.28 -24.89
CA TRP C 196 -18.00 24.21 -24.04
C TRP C 196 -17.65 22.78 -23.70
N PHE C 197 -18.67 22.00 -23.31
CA PHE C 197 -18.48 20.58 -23.00
C PHE C 197 -17.85 19.84 -24.18
N GLU C 198 -18.37 20.08 -25.39
CA GLU C 198 -17.80 19.44 -26.57
C GLU C 198 -16.34 19.85 -26.78
N THR C 199 -16.03 21.14 -26.59
CA THR C 199 -14.65 21.60 -26.68
C THR C 199 -13.78 20.86 -25.67
N MET C 200 -14.30 20.68 -24.48
CA MET C 200 -13.53 20.14 -23.37
C MET C 200 -13.13 18.69 -23.71
N LYS C 201 -14.07 17.94 -24.32
CA LYS C 201 -13.88 16.54 -24.72
C LYS C 201 -12.84 16.36 -25.82
N GLN C 202 -12.57 17.40 -26.61
CA GLN C 202 -11.57 17.23 -27.65
C GLN C 202 -10.15 17.42 -27.13
N LEU C 203 -9.97 17.76 -25.85
CA LEU C 203 -8.61 17.88 -25.32
C LEU C 203 -7.91 16.52 -25.39
N PRO C 204 -6.62 16.48 -25.73
CA PRO C 204 -5.94 15.19 -25.94
C PRO C 204 -5.90 14.29 -24.74
N TYR C 205 -5.90 14.85 -23.53
CA TYR C 205 -5.84 14.05 -22.31
C TYR C 205 -7.23 13.77 -21.72
N TYR C 206 -8.30 14.28 -22.34
CA TYR C 206 -9.64 14.04 -21.79
C TYR C 206 -9.96 12.55 -21.71
N GLN C 207 -9.57 11.78 -22.72
CA GLN C 207 -9.97 10.37 -22.79
C GLN C 207 -9.45 9.56 -21.61
N GLN C 208 -8.15 9.63 -21.34
CA GLN C 208 -7.62 8.78 -20.27
C GLN C 208 -7.73 9.43 -18.90
N ALA C 209 -7.67 10.76 -18.83
CA ALA C 209 -7.74 11.43 -17.53
C ALA C 209 -9.18 11.63 -17.06
N ASN C 210 -10.17 11.41 -17.92
CA ASN C 210 -11.55 11.62 -17.47
C ASN C 210 -12.54 10.56 -17.98
N GLN C 211 -12.50 10.25 -19.28
CA GLN C 211 -13.54 9.38 -19.84
C GLN C 211 -13.42 7.96 -19.29
N VAL C 212 -12.19 7.47 -19.12
CA VAL C 212 -12.01 6.12 -18.58
C VAL C 212 -12.74 5.98 -17.25
N GLY C 213 -12.56 6.95 -16.36
CA GLY C 213 -13.20 6.87 -15.06
C GLY C 213 -14.70 7.00 -15.14
N VAL C 214 -15.18 7.93 -15.98
CA VAL C 214 -16.62 8.05 -16.23
C VAL C 214 -17.18 6.71 -16.70
N ASP C 215 -16.47 6.06 -17.62
CA ASP C 215 -16.94 4.78 -18.16
C ASP C 215 -16.98 3.71 -17.08
N LYS C 216 -15.96 3.69 -16.20
CA LYS C 216 -15.98 2.75 -15.07
C LYS C 216 -17.19 2.98 -14.19
N LEU C 217 -17.44 4.24 -13.81
CA LEU C 217 -18.61 4.54 -12.99
C LEU C 217 -19.90 4.16 -13.70
N LYS C 218 -19.95 4.36 -15.01
CA LYS C 218 -21.16 4.08 -15.77
C LYS C 218 -21.50 2.58 -15.70
N GLU C 219 -20.47 1.72 -15.73
CA GLU C 219 -20.70 0.29 -15.58
C GLU C 219 -21.10 -0.05 -14.14
N ARG C 220 -20.58 0.67 -13.15
CA ARG C 220 -21.03 0.46 -11.78
C ARG C 220 -22.50 0.86 -11.63
N LEU C 221 -22.89 1.97 -12.25
CA LEU C 221 -24.29 2.40 -12.19
C LEU C 221 -25.21 1.43 -12.93
N HIS C 222 -24.74 0.86 -14.04
CA HIS C 222 -25.56 -0.13 -14.73
C HIS C 222 -25.83 -1.33 -13.83
N ALA C 223 -24.78 -1.84 -13.17
CA ALA C 223 -24.94 -2.94 -12.22
C ALA C 223 -25.98 -2.63 -11.14
N VAL C 224 -25.95 -1.42 -10.59
CA VAL C 224 -26.95 -0.98 -9.59
C VAL C 224 -28.05 -0.26 -10.37
N MET C 225 -29.06 -1.02 -10.80
CA MET C 225 -30.12 -0.51 -11.68
C MET C 225 -30.57 0.92 -11.37
N HIS D 6 20.94 -3.58 -6.62
CA HIS D 6 21.89 -2.78 -7.38
C HIS D 6 21.24 -1.91 -8.44
N MET D 7 20.62 -2.54 -9.42
CA MET D 7 20.30 -1.85 -10.66
C MET D 7 18.90 -2.11 -11.19
N MET D 8 18.21 -3.19 -10.78
CA MET D 8 16.91 -3.49 -11.35
C MET D 8 15.86 -2.44 -10.94
N SER D 9 15.73 -2.17 -9.64
CA SER D 9 14.67 -1.31 -9.13
C SER D 9 15.25 -0.18 -8.30
N LYS D 10 14.38 0.73 -7.86
CA LYS D 10 14.82 1.81 -7.00
C LYS D 10 15.05 1.29 -5.59
N PRO D 11 15.97 1.88 -4.84
CA PRO D 11 16.07 1.53 -3.42
C PRO D 11 14.79 1.90 -2.67
N VAL D 12 14.41 1.08 -1.70
CA VAL D 12 13.22 1.28 -0.90
C VAL D 12 13.65 1.49 0.54
N LEU D 13 13.34 2.66 1.10
CA LEU D 13 13.71 3.00 2.46
C LEU D 13 12.55 2.74 3.40
N TYR D 14 12.69 1.74 4.27
CA TYR D 14 11.71 1.53 5.33
C TYR D 14 12.06 2.44 6.50
N TYR D 15 11.10 3.23 6.95
CA TYR D 15 11.46 4.38 7.79
C TYR D 15 10.30 4.78 8.69
N ASP D 16 10.66 5.49 9.76
CA ASP D 16 9.75 6.29 10.59
C ASP D 16 10.56 7.50 11.03
N ASP D 17 10.14 8.70 10.63
CA ASP D 17 11.05 9.83 10.75
C ASP D 17 11.09 10.43 12.16
N ILE D 18 10.40 9.86 13.15
CA ILE D 18 10.70 10.23 14.53
C ILE D 18 12.05 9.70 14.99
N SER D 19 12.67 8.80 14.21
CA SER D 19 13.92 8.10 14.57
C SER D 19 15.15 8.89 14.10
N PRO D 20 16.12 9.18 14.97
CA PRO D 20 17.33 9.90 14.53
C PRO D 20 18.09 9.11 13.46
N PRO D 21 18.32 7.81 13.63
CA PRO D 21 18.94 7.05 12.52
C PRO D 21 18.22 7.27 11.21
N VAL D 22 16.89 7.20 11.20
CA VAL D 22 16.12 7.43 9.98
C VAL D 22 16.41 8.82 9.41
N ARG D 23 16.35 9.85 10.26
CA ARG D 23 16.53 11.21 9.73
C ARG D 23 17.96 11.47 9.25
N GLY D 24 18.96 10.75 9.78
CA GLY D 24 20.28 10.81 9.15
C GLY D 24 20.25 10.39 7.70
N VAL D 25 19.46 9.35 7.39
CA VAL D 25 19.30 8.93 5.99
C VAL D 25 18.51 9.97 5.21
N LEU D 26 17.42 10.47 5.79
CA LEU D 26 16.58 11.41 5.04
C LEU D 26 17.36 12.67 4.70
N LEU D 27 18.15 13.17 5.67
CA LEU D 27 19.05 14.29 5.40
C LEU D 27 20.00 13.98 4.24
N THR D 28 20.58 12.79 4.26
CA THR D 28 21.50 12.37 3.20
C THR D 28 20.78 12.29 1.85
N VAL D 29 19.57 11.71 1.84
CA VAL D 29 18.80 11.66 0.59
C VAL D 29 18.56 13.06 0.04
N ALA D 30 18.27 14.01 0.92
CA ALA D 30 18.01 15.37 0.47
C ALA D 30 19.27 16.05 0.00
N ALA D 31 20.38 15.88 0.74
CA ALA D 31 21.65 16.48 0.35
C ALA D 31 22.16 15.90 -0.97
N LEU D 32 21.95 14.61 -1.19
CA LEU D 32 22.37 14.03 -2.45
C LEU D 32 21.45 14.39 -3.60
N GLY D 33 20.26 14.92 -3.32
CA GLY D 33 19.25 15.20 -4.31
C GLY D 33 18.67 13.97 -4.96
N ILE D 34 18.44 12.91 -4.20
CA ILE D 34 17.97 11.66 -4.79
C ILE D 34 16.57 11.27 -4.31
N LYS D 35 15.79 12.24 -3.83
CA LYS D 35 14.43 11.95 -3.36
C LYS D 35 13.59 11.24 -4.43
N ASP D 36 13.79 11.55 -5.71
CA ASP D 36 13.04 10.91 -6.78
C ASP D 36 13.57 9.53 -7.15
N GLN D 37 14.69 9.10 -6.57
CA GLN D 37 15.23 7.79 -6.91
C GLN D 37 15.13 6.78 -5.77
N VAL D 38 14.54 7.15 -4.64
CA VAL D 38 14.41 6.27 -3.47
C VAL D 38 12.94 6.23 -3.06
N GLU D 39 12.36 5.03 -3.04
CA GLU D 39 11.00 4.88 -2.57
C GLU D 39 10.98 4.86 -1.04
N LEU D 40 9.95 5.47 -0.46
CA LEU D 40 9.76 5.54 0.98
C LEU D 40 8.62 4.62 1.39
N LYS D 41 8.84 3.81 2.42
CA LYS D 41 7.80 2.97 3.00
C LYS D 41 7.77 3.19 4.50
N LEU D 42 6.64 3.68 4.99
CA LEU D 42 6.50 4.02 6.40
C LEU D 42 6.32 2.76 7.22
N VAL D 43 7.16 2.60 8.24
CA VAL D 43 7.05 1.55 9.24
C VAL D 43 6.92 2.27 10.59
N ARG D 44 5.69 2.41 11.08
CA ARG D 44 5.41 3.23 12.25
C ARG D 44 5.80 2.52 13.54
N LEU D 45 6.78 3.08 14.25
CA LEU D 45 7.25 2.44 15.48
C LEU D 45 6.15 2.41 16.54
N PHE D 46 5.39 3.50 16.69
CA PHE D 46 4.35 3.52 17.71
C PHE D 46 3.15 2.67 17.34
N GLU D 47 3.04 2.24 16.09
CA GLU D 47 2.11 1.20 15.68
C GLU D 47 2.70 -0.20 15.78
N ARG D 48 3.94 -0.31 16.26
CA ARG D 48 4.67 -1.58 16.38
C ARG D 48 4.82 -2.30 15.05
N GLU D 49 4.74 -1.57 13.93
CA GLU D 49 4.90 -2.22 12.65
C GLU D 49 6.30 -2.78 12.44
N HIS D 50 7.29 -2.32 13.22
CA HIS D 50 8.64 -2.87 13.11
C HIS D 50 8.75 -4.28 13.69
N LEU D 51 7.71 -4.77 14.36
CA LEU D 51 7.68 -6.12 14.92
C LEU D 51 6.80 -7.06 14.11
N LEU D 52 6.16 -6.59 13.05
CA LEU D 52 5.35 -7.46 12.22
C LEU D 52 6.25 -8.47 11.50
N GLU D 53 5.68 -9.65 11.21
CA GLU D 53 6.49 -10.78 10.76
C GLU D 53 7.24 -10.49 9.47
N ASP D 54 6.60 -9.86 8.48
CA ASP D 54 7.29 -9.60 7.22
C ASP D 54 8.52 -8.73 7.44
N PHE D 55 8.40 -7.74 8.31
CA PHE D 55 9.52 -6.83 8.53
C PHE D 55 10.64 -7.50 9.30
N VAL D 56 10.30 -8.30 10.31
CA VAL D 56 11.33 -9.03 11.05
C VAL D 56 12.04 -10.01 10.12
N LYS D 57 11.32 -10.54 9.12
CA LYS D 57 11.96 -11.36 8.10
C LYS D 57 12.96 -10.54 7.31
N LEU D 58 12.62 -9.28 7.06
CA LEU D 58 13.53 -8.40 6.34
C LEU D 58 14.70 -8.00 7.22
N ASN D 59 14.44 -7.70 8.49
CA ASN D 59 15.47 -7.27 9.43
C ASN D 59 15.21 -7.90 10.82
N PRO D 60 15.96 -8.95 11.19
CA PRO D 60 15.78 -9.55 12.51
C PRO D 60 16.04 -8.62 13.67
N LEU D 61 16.73 -7.50 13.43
CA LEU D 61 16.90 -6.49 14.48
C LEU D 61 15.63 -5.69 14.73
N HIS D 62 14.59 -5.89 13.93
CA HIS D 62 13.27 -5.22 14.07
C HIS D 62 13.42 -3.73 14.40
N ALA D 63 14.14 -3.02 13.52
CA ALA D 63 14.50 -1.61 13.72
C ALA D 63 14.52 -0.89 12.38
N VAL D 64 14.32 0.44 12.42
CA VAL D 64 14.35 1.29 11.24
C VAL D 64 15.52 2.24 11.38
N PRO D 65 16.16 2.67 10.28
CA PRO D 65 15.80 2.33 8.89
C PRO D 65 16.34 1.03 8.33
N VAL D 66 15.68 0.52 7.29
CA VAL D 66 16.18 -0.56 6.46
C VAL D 66 16.15 -0.09 5.03
N LEU D 67 17.18 -0.43 4.23
CA LEU D 67 17.15 -0.16 2.81
C LEU D 67 17.19 -1.47 2.04
N LYS D 68 16.24 -1.66 1.14
CA LYS D 68 16.22 -2.80 0.25
C LYS D 68 16.48 -2.33 -1.17
N HIS D 69 17.55 -2.81 -1.79
CA HIS D 69 17.89 -2.45 -3.16
C HIS D 69 18.09 -3.76 -3.90
N ASP D 70 17.03 -4.20 -4.60
CA ASP D 70 17.00 -5.52 -5.22
C ASP D 70 17.22 -6.53 -4.10
N ASP D 71 18.25 -7.37 -4.19
CA ASP D 71 18.61 -8.37 -3.19
C ASP D 71 19.44 -7.82 -2.03
N LEU D 72 19.89 -6.57 -2.10
CA LEU D 72 20.67 -5.99 -1.02
C LEU D 72 19.75 -5.47 0.09
N VAL D 73 20.00 -5.89 1.33
CA VAL D 73 19.21 -5.45 2.47
C VAL D 73 20.15 -4.86 3.51
N LEU D 74 20.13 -3.54 3.65
CA LEU D 74 20.96 -2.86 4.63
C LEU D 74 20.11 -2.59 5.86
N THR D 75 20.66 -2.93 7.03
CA THR D 75 19.91 -2.84 8.27
C THR D 75 20.60 -1.90 9.26
N ASP D 76 21.26 -0.86 8.77
CA ASP D 76 21.81 0.14 9.68
C ASP D 76 21.94 1.45 8.92
N SER D 77 21.43 2.52 9.53
CA SER D 77 21.41 3.82 8.85
C SER D 77 22.80 4.22 8.37
N HIS D 78 23.84 3.89 9.14
CA HIS D 78 25.18 4.33 8.76
C HIS D 78 25.68 3.58 7.53
N ALA D 79 25.28 2.32 7.37
CA ALA D 79 25.60 1.58 6.15
C ALA D 79 24.77 2.08 4.96
N ILE D 80 23.49 2.37 5.19
CA ILE D 80 22.65 2.93 4.13
C ILE D 80 23.26 4.22 3.59
N ILE D 81 23.73 5.08 4.49
CA ILE D 81 24.23 6.40 4.10
C ILE D 81 25.48 6.27 3.22
N MET D 82 26.41 5.40 3.62
CA MET D 82 27.63 5.16 2.85
C MET D 82 27.29 4.58 1.48
N TYR D 83 26.38 3.60 1.45
CA TYR D 83 26.00 2.95 0.19
C TYR D 83 25.39 3.95 -0.79
N LEU D 84 24.49 4.82 -0.28
CA LEU D 84 23.87 5.82 -1.13
C LEU D 84 24.91 6.77 -1.74
N CYS D 85 25.90 7.20 -0.94
CA CYS D 85 27.01 7.98 -1.50
C CYS D 85 27.75 7.24 -2.59
N ASP D 86 27.98 5.95 -2.40
CA ASP D 86 28.73 5.18 -3.39
C ASP D 86 28.01 5.11 -4.72
N ILE D 87 26.70 4.84 -4.71
CA ILE D 87 25.99 4.64 -5.96
C ILE D 87 25.34 5.91 -6.53
N PHE D 88 25.15 6.96 -5.72
CA PHE D 88 24.53 8.19 -6.21
C PHE D 88 25.38 9.44 -6.05
N GLY D 89 26.46 9.41 -5.27
CA GLY D 89 27.17 10.64 -4.98
C GLY D 89 28.63 10.70 -5.40
N GLN D 90 29.06 9.77 -6.26
CA GLN D 90 30.49 9.66 -6.58
C GLN D 90 31.04 10.90 -7.27
N ASP D 91 30.17 11.69 -7.90
CA ASP D 91 30.62 12.84 -8.71
C ASP D 91 30.11 14.16 -8.15
N GLY D 92 29.91 14.24 -6.83
CA GLY D 92 29.43 15.47 -6.24
C GLY D 92 30.13 15.86 -4.95
N ASP D 93 29.57 16.82 -4.24
CA ASP D 93 30.22 17.36 -3.05
C ASP D 93 30.16 16.43 -1.86
N PHE D 94 29.47 15.29 -1.95
CA PHE D 94 29.45 14.33 -0.86
C PHE D 94 30.16 13.03 -1.23
N SER D 95 30.99 13.07 -2.28
CA SER D 95 31.68 11.89 -2.76
C SER D 95 32.63 11.32 -1.69
N LEU D 96 32.70 9.99 -1.64
CA LEU D 96 33.56 9.26 -0.72
C LEU D 96 34.63 8.46 -1.48
N LYS D 97 34.94 8.88 -2.72
CA LYS D 97 35.87 8.13 -3.56
C LYS D 97 37.29 8.16 -3.00
N ASP D 98 37.68 9.22 -2.29
CA ASP D 98 39.03 9.30 -1.73
C ASP D 98 39.11 8.44 -0.47
N PRO D 99 40.04 7.48 -0.39
CA PRO D 99 40.07 6.57 0.79
C PRO D 99 40.22 7.28 2.12
N LYS D 100 41.13 8.24 2.23
CA LYS D 100 41.30 8.96 3.49
C LYS D 100 40.05 9.76 3.83
N GLN D 101 39.41 10.33 2.81
CA GLN D 101 38.17 11.08 3.03
C GLN D 101 37.08 10.14 3.51
N ARG D 102 36.92 9.00 2.83
CA ARG D 102 35.97 7.99 3.25
C ARG D 102 36.19 7.59 4.71
N ALA D 103 37.45 7.35 5.09
CA ALA D 103 37.76 6.93 6.46
C ALA D 103 37.42 8.01 7.47
N ARG D 104 37.73 9.27 7.18
N ARG D 104 37.73 9.27 7.18
CA ARG D 104 37.35 10.36 8.08
CA ARG D 104 37.34 10.35 8.10
C ARG D 104 35.84 10.39 8.29
C ARG D 104 35.84 10.38 8.29
N VAL D 105 35.09 10.22 7.21
CA VAL D 105 33.63 10.22 7.29
C VAL D 105 33.14 8.99 8.04
N HIS D 106 33.64 7.82 7.65
CA HIS D 106 33.24 6.60 8.33
C HIS D 106 33.56 6.66 9.82
N ASN D 107 34.72 7.24 10.16
CA ASN D 107 35.09 7.34 11.57
C ASN D 107 34.05 8.12 12.37
N ARG D 108 33.50 9.18 11.78
CA ARG D 108 32.48 9.95 12.48
C ARG D 108 31.10 9.27 12.42
N LEU D 109 30.84 8.50 11.37
CA LEU D 109 29.63 7.67 11.37
C LEU D 109 29.69 6.65 12.50
N CYS D 110 30.87 6.05 12.71
CA CYS D 110 31.05 5.12 13.82
C CYS D 110 30.85 5.82 15.16
N PHE D 111 31.43 7.01 15.32
CA PHE D 111 31.19 7.79 16.53
C PHE D 111 29.69 7.97 16.78
N ASN D 112 28.93 8.33 15.74
CA ASN D 112 27.49 8.48 15.97
C ASN D 112 26.86 7.14 16.35
N ASN D 113 27.18 6.09 15.60
CA ASN D 113 26.50 4.82 15.79
C ASN D 113 26.85 4.22 17.14
N ALA D 114 28.12 4.22 17.50
CA ALA D 114 28.58 3.53 18.70
C ALA D 114 28.61 4.42 19.95
N VAL D 115 28.55 5.74 19.81
CA VAL D 115 28.73 6.59 20.98
C VAL D 115 27.52 7.50 21.18
N LEU D 116 27.34 8.47 20.27
CA LEU D 116 26.30 9.48 20.45
C LEU D 116 24.90 8.87 20.41
N PHE D 117 24.60 8.05 19.39
CA PHE D 117 23.26 7.48 19.30
C PHE D 117 23.02 6.43 20.38
N GLN D 118 24.04 5.64 20.75
CA GLN D 118 23.86 4.68 21.83
C GLN D 118 23.43 5.37 23.11
N ARG D 119 24.09 6.49 23.44
CA ARG D 119 23.78 7.19 24.68
C ARG D 119 22.46 7.96 24.57
N GLU D 120 22.16 8.51 23.40
CA GLU D 120 20.86 9.14 23.18
C GLU D 120 19.74 8.12 23.30
N SER D 121 19.97 6.92 22.77
CA SER D 121 18.93 5.88 22.73
C SER D 121 18.57 5.37 24.12
N ILE D 122 19.56 5.16 24.98
CA ILE D 122 19.27 4.81 26.37
C ILE D 122 18.31 5.82 26.99
N VAL D 123 18.55 7.10 26.75
CA VAL D 123 17.75 8.17 27.35
C VAL D 123 16.34 8.17 26.75
N MET D 124 16.26 8.32 25.42
CA MET D 124 14.96 8.40 24.73
C MET D 124 14.10 7.17 24.98
N ARG D 125 14.69 5.98 24.86
CA ARG D 125 13.93 4.76 25.09
C ARG D 125 13.37 4.75 26.51
N GLY D 126 14.22 5.08 27.50
CA GLY D 126 13.75 5.12 28.87
C GLY D 126 12.63 6.11 29.08
N LEU D 127 12.69 7.25 28.39
CA LEU D 127 11.64 8.25 28.52
C LEU D 127 10.35 7.78 27.88
N ILE D 128 10.46 7.02 26.79
CA ILE D 128 9.32 6.57 26.01
C ILE D 128 8.58 5.45 26.75
N ASN D 129 9.31 4.54 27.38
CA ASN D 129 8.67 3.42 28.07
C ASN D 129 8.40 3.70 29.54
N ARG D 130 8.65 4.93 29.99
CA ARG D 130 8.39 5.43 31.35
C ARG D 130 9.36 4.92 32.41
N SER D 131 10.45 4.24 32.04
CA SER D 131 11.43 3.84 33.05
C SER D 131 12.31 5.00 33.50
N ILE D 132 12.24 6.15 32.82
CA ILE D 132 12.88 7.38 33.23
C ILE D 132 11.79 8.45 33.32
N VAL D 133 11.56 8.97 34.53
CA VAL D 133 10.61 10.05 34.76
C VAL D 133 11.35 11.37 34.78
N THR D 134 12.34 11.48 35.65
CA THR D 134 13.21 12.65 35.72
C THR D 134 14.60 12.24 35.25
N LEU D 135 15.21 13.08 34.42
CA LEU D 135 16.58 12.86 33.98
C LEU D 135 17.49 13.62 34.94
N GLU D 136 18.29 12.88 35.71
CA GLU D 136 19.25 13.45 36.63
C GLU D 136 20.63 13.49 35.97
N ASP D 137 21.53 14.27 36.58
CA ASP D 137 22.88 14.45 36.04
C ASP D 137 23.56 13.11 35.77
N HIS D 138 23.27 12.10 36.57
CA HIS D 138 23.82 10.76 36.36
C HIS D 138 23.39 10.16 35.03
N HIS D 139 22.26 10.62 34.46
CA HIS D 139 21.75 10.09 33.21
C HIS D 139 22.25 10.86 31.99
N LEU D 140 22.56 12.15 32.18
CA LEU D 140 23.04 13.00 31.11
C LEU D 140 24.56 12.97 30.96
N LYS D 141 25.27 12.47 31.96
CA LYS D 141 26.73 12.54 31.93
C LYS D 141 27.34 11.86 30.71
N PRO D 142 26.92 10.66 30.29
CA PRO D 142 27.48 10.10 29.04
C PRO D 142 27.18 10.96 27.82
N VAL D 143 25.97 11.53 27.72
CA VAL D 143 25.65 12.43 26.61
C VAL D 143 26.59 13.64 26.62
N GLN D 144 26.79 14.23 27.81
CA GLN D 144 27.68 15.39 27.90
C GLN D 144 29.11 15.02 27.53
N GLU D 145 29.54 13.80 27.87
CA GLU D 145 30.85 13.31 27.43
C GLU D 145 30.92 13.22 25.92
N ALA D 146 29.85 12.75 25.29
CA ALA D 146 29.82 12.74 23.83
C ALA D 146 29.83 14.17 23.28
N TYR D 147 29.14 15.10 23.95
CA TYR D 147 29.24 16.51 23.58
C TYR D 147 30.69 16.99 23.64
N ASP D 148 31.43 16.57 24.69
CA ASP D 148 32.82 17.01 24.83
C ASP D 148 33.66 16.53 23.64
N CYS D 149 33.40 15.30 23.16
CA CYS D 149 34.16 14.82 22.02
C CYS D 149 33.80 15.59 20.77
N LEU D 150 32.50 15.80 20.55
CA LEU D 150 32.04 16.56 19.39
C LEU D 150 32.65 17.96 19.38
N GLU D 151 32.79 18.55 20.57
CA GLU D 151 33.42 19.88 20.68
C GLU D 151 34.89 19.83 20.25
N VAL D 152 35.61 18.75 20.61
CA VAL D 152 36.97 18.58 20.12
C VAL D 152 36.97 18.49 18.61
N TYR D 153 36.08 17.66 18.06
CA TYR D 153 36.08 17.47 16.61
C TYR D 153 35.80 18.79 15.92
N LEU D 154 34.82 19.55 16.42
CA LEU D 154 34.44 20.81 15.77
C LEU D 154 35.43 21.93 16.07
N THR D 155 36.39 21.71 16.97
CA THR D 155 37.53 22.61 17.11
C THR D 155 38.58 22.34 16.04
N ASN D 156 38.77 21.07 15.68
CA ASN D 156 39.81 20.72 14.73
C ASN D 156 39.36 20.81 13.28
N SER D 157 38.06 20.86 13.00
CA SER D 157 37.61 21.18 11.65
C SER D 157 36.23 21.80 11.71
N LYS D 158 35.83 22.48 10.62
CA LYS D 158 34.60 23.29 10.65
C LYS D 158 33.35 22.42 10.77
N PHE D 159 33.35 21.25 10.13
CA PHE D 159 32.27 20.26 10.21
C PHE D 159 32.84 18.99 10.87
N VAL D 160 31.97 17.98 11.10
CA VAL D 160 32.36 16.92 12.04
C VAL D 160 33.59 16.15 11.56
N ALA D 161 33.69 15.90 10.26
CA ALA D 161 34.75 15.05 9.74
C ALA D 161 35.85 15.80 9.00
N CYS D 162 35.60 17.04 8.62
CA CYS D 162 36.61 17.86 7.91
C CYS D 162 36.02 19.26 7.75
N ASP D 163 36.69 20.10 6.96
CA ASP D 163 36.26 21.49 6.84
C ASP D 163 35.07 21.68 5.91
N GLN D 164 34.64 20.63 5.22
CA GLN D 164 33.46 20.68 4.38
C GLN D 164 32.35 19.81 4.97
N LEU D 165 31.11 20.22 4.72
CA LEU D 165 29.98 19.39 5.09
C LEU D 165 30.09 18.03 4.41
N THR D 166 29.88 16.96 5.17
CA THR D 166 29.86 15.61 4.62
C THR D 166 28.62 14.89 5.15
N VAL D 167 28.40 13.65 4.68
CA VAL D 167 27.25 12.90 5.19
C VAL D 167 27.42 12.53 6.65
N ALA D 168 28.64 12.59 7.19
CA ALA D 168 28.80 12.31 8.61
C ALA D 168 28.09 13.34 9.48
N ASP D 169 27.90 14.56 8.97
CA ASP D 169 27.21 15.56 9.76
C ASP D 169 25.73 15.23 9.97
N PHE D 170 25.12 14.42 9.11
CA PHE D 170 23.67 14.26 9.13
C PHE D 170 23.20 13.33 10.25
N PRO D 171 23.76 12.11 10.42
CA PRO D 171 23.36 11.32 11.59
C PRO D 171 23.62 12.05 12.89
N ILE D 172 24.77 12.72 13.01
CA ILE D 172 25.09 13.38 14.27
C ILE D 172 24.09 14.48 14.56
N VAL D 173 23.76 15.31 13.56
CA VAL D 173 22.80 16.37 13.84
C VAL D 173 21.41 15.79 14.08
N ALA D 174 21.06 14.71 13.37
CA ALA D 174 19.81 14.01 13.66
C ALA D 174 19.74 13.64 15.15
N CYS D 175 20.82 13.08 15.70
CA CYS D 175 20.86 12.76 17.14
C CYS D 175 20.86 14.00 18.01
N MET D 176 21.77 14.95 17.74
CA MET D 176 21.79 16.15 18.59
C MET D 176 20.45 16.85 18.63
N SER D 177 19.79 17.00 17.48
CA SER D 177 18.48 17.63 17.52
C SER D 177 17.48 16.81 18.32
N THR D 178 17.73 15.51 18.55
CA THR D 178 16.80 14.73 19.34
C THR D 178 17.15 14.77 20.83
N VAL D 179 18.37 14.35 21.18
CA VAL D 179 18.78 14.32 22.58
C VAL D 179 18.77 15.71 23.19
N GLY D 180 18.92 16.75 22.35
CA GLY D 180 18.82 18.12 22.82
C GLY D 180 17.54 18.44 23.56
N MET D 181 16.47 17.67 23.30
CA MET D 181 15.18 17.90 23.95
C MET D 181 15.22 17.53 25.44
N VAL D 182 16.20 16.71 25.85
CA VAL D 182 16.34 16.26 27.23
C VAL D 182 17.63 16.75 27.86
N CYS D 183 18.73 16.76 27.09
N CYS D 183 18.72 16.79 27.09
CA CYS D 183 20.03 17.28 27.51
CA CYS D 183 20.02 17.30 27.55
C CYS D 183 20.41 18.45 26.61
C CYS D 183 20.43 18.45 26.64
N PRO D 184 19.77 19.61 26.77
CA PRO D 184 19.97 20.69 25.79
C PRO D 184 21.40 21.18 25.70
N LEU D 185 21.77 21.62 24.51
CA LEU D 185 23.11 22.13 24.26
C LEU D 185 23.28 23.49 24.94
N SER D 186 24.32 23.61 25.76
CA SER D 186 24.67 24.88 26.35
C SER D 186 25.66 25.61 25.44
N THR D 187 25.25 26.75 24.90
CA THR D 187 26.15 27.55 24.08
C THR D 187 27.40 27.93 24.87
N SER D 188 27.21 28.32 26.14
CA SER D 188 28.31 28.56 27.05
C SER D 188 29.29 27.39 27.05
N ARG D 189 28.77 26.18 27.29
CA ARG D 189 29.65 25.05 27.54
C ARG D 189 30.29 24.53 26.26
N TRP D 190 29.54 24.44 25.16
CA TRP D 190 30.03 23.87 23.90
C TRP D 190 29.82 24.84 22.75
N PRO D 191 30.60 25.93 22.70
CA PRO D 191 30.32 26.96 21.69
C PRO D 191 30.52 26.50 20.25
N LYS D 192 31.51 25.64 19.99
CA LYS D 192 31.74 25.18 18.62
C LYS D 192 30.58 24.31 18.15
N THR D 193 30.14 23.38 19.01
CA THR D 193 29.03 22.50 18.64
C THR D 193 27.75 23.29 18.43
N ALA D 194 27.45 24.23 19.32
CA ALA D 194 26.27 25.07 19.16
C ALA D 194 26.28 25.81 17.82
N ALA D 195 27.45 26.37 17.44
CA ALA D 195 27.54 27.11 16.19
C ALA D 195 27.39 26.20 14.98
N TRP D 196 28.00 25.02 15.03
CA TRP D 196 27.81 24.02 13.98
C TRP D 196 26.35 23.59 13.89
N PHE D 197 25.71 23.39 15.05
CA PHE D 197 24.30 22.99 15.08
C PHE D 197 23.45 24.04 14.37
N GLU D 198 23.73 25.32 14.64
CA GLU D 198 23.01 26.40 13.97
C GLU D 198 23.25 26.38 12.46
N THR D 199 24.47 26.06 12.03
CA THR D 199 24.77 25.99 10.60
C THR D 199 23.95 24.91 9.91
N MET D 200 23.98 23.66 10.43
CA MET D 200 23.08 22.63 9.89
C MET D 200 21.60 23.01 9.92
N LYS D 201 21.13 23.70 10.96
CA LYS D 201 19.71 24.07 10.96
C LYS D 201 19.39 25.00 9.80
N GLN D 202 20.41 25.66 9.23
CA GLN D 202 20.23 26.61 8.14
C GLN D 202 20.17 25.92 6.78
N LEU D 203 20.58 24.65 6.68
CA LEU D 203 20.56 23.96 5.39
C LEU D 203 19.11 23.95 4.86
N PRO D 204 18.91 24.09 3.55
CA PRO D 204 17.53 24.25 3.03
C PRO D 204 16.66 23.01 3.20
N TYR D 205 17.25 21.81 3.39
CA TYR D 205 16.47 20.59 3.55
C TYR D 205 16.35 20.16 5.02
N TYR D 206 16.87 20.96 5.95
CA TYR D 206 16.80 20.59 7.37
C TYR D 206 15.37 20.47 7.86
N GLN D 207 14.52 21.47 7.53
CA GLN D 207 13.15 21.47 8.07
C GLN D 207 12.41 20.19 7.70
N GLN D 208 12.38 19.87 6.39
CA GLN D 208 11.60 18.73 5.92
C GLN D 208 12.25 17.40 6.23
N ALA D 209 13.57 17.31 6.21
CA ALA D 209 14.22 16.03 6.43
C ALA D 209 14.42 15.71 7.89
N ASN D 210 14.44 16.72 8.76
CA ASN D 210 14.77 16.45 10.15
C ASN D 210 13.79 17.07 11.12
N GLN D 211 13.52 18.37 10.98
CA GLN D 211 12.69 19.04 12.00
C GLN D 211 11.29 18.44 12.05
N VAL D 212 10.74 18.02 10.92
CA VAL D 212 9.39 17.45 10.92
C VAL D 212 9.32 16.26 11.87
N GLY D 213 10.26 15.32 11.75
CA GLY D 213 10.24 14.15 12.59
C GLY D 213 10.57 14.43 14.03
N VAL D 214 11.46 15.41 14.28
CA VAL D 214 11.73 15.82 15.66
C VAL D 214 10.47 16.34 16.31
N ASP D 215 9.70 17.15 15.57
CA ASP D 215 8.47 17.71 16.12
C ASP D 215 7.45 16.60 16.41
N LYS D 216 7.34 15.61 15.53
CA LYS D 216 6.47 14.47 15.83
C LYS D 216 6.92 13.72 17.06
N LEU D 217 8.23 13.46 17.20
CA LEU D 217 8.72 12.81 18.42
C LEU D 217 8.39 13.66 19.65
N LYS D 218 8.53 14.98 19.51
CA LYS D 218 8.23 15.88 20.62
C LYS D 218 6.79 15.70 21.09
N GLU D 219 5.85 15.59 20.14
CA GLU D 219 4.45 15.36 20.48
C GLU D 219 4.27 14.02 21.17
N ARG D 220 4.82 12.94 20.59
CA ARG D 220 4.79 11.64 21.25
C ARG D 220 5.36 11.70 22.66
N LEU D 221 6.45 12.47 22.85
CA LEU D 221 7.08 12.52 24.17
C LEU D 221 6.26 13.32 25.17
N HIS D 222 5.50 14.32 24.71
CA HIS D 222 4.63 15.05 25.63
C HIS D 222 3.46 14.18 26.07
N ALA D 223 2.86 13.46 25.11
CA ALA D 223 1.74 12.58 25.39
C ALA D 223 2.14 11.48 26.38
N VAL D 224 3.38 11.04 26.33
CA VAL D 224 3.86 9.94 27.16
C VAL D 224 4.44 10.47 28.47
N1 GSH E . -14.28 -20.68 17.01
CA1 GSH E . -13.56 -19.66 16.20
C1 GSH E . -13.46 -18.34 16.99
O11 GSH E . -14.39 -18.08 17.78
O12 GSH E . -12.46 -17.61 16.77
CB1 GSH E . -14.28 -19.47 14.86
CG1 GSH E . -13.55 -18.56 13.88
CD1 GSH E . -14.26 -18.57 12.54
OE1 GSH E . -15.03 -19.47 12.23
N2 GSH E . -14.01 -17.54 11.74
CA2 GSH E . -14.48 -17.45 10.36
C2 GSH E . -13.38 -17.57 9.32
O2 GSH E . -12.37 -16.88 9.43
CB2 GSH E . -15.26 -16.17 10.14
SG2 GSH E . -16.80 -16.11 11.07
N3 GSH E . -13.60 -18.41 8.31
CA3 GSH E . -12.65 -18.61 7.23
C3 GSH E . -12.41 -20.09 6.96
O31 GSH E . -13.00 -20.89 7.72
O32 GSH E . -11.67 -20.39 6.00
C8A 674 F . -18.89 -14.84 7.79
C4A 674 F . -18.68 -16.22 7.58
C4 674 F . -17.76 -16.68 6.52
C3 674 F . -17.10 -15.71 5.71
C2 674 F . -17.33 -14.27 5.93
O1 674 F . -18.23 -13.76 6.97
C8 674 F . -19.73 -14.36 8.79
C7 674 F . -20.40 -15.28 9.59
C6 674 F . -20.19 -16.68 9.41
C5 674 F . -19.34 -17.15 8.40
O4 674 F . -21.24 -14.75 10.55
O3 674 F . -20.85 -17.60 10.23
C1' 674 F . -16.14 -16.03 4.57
C2' 674 F . -16.25 -15.30 3.39
C3' 674 F . -15.39 -15.58 2.33
C4' 674 F . -14.40 -16.55 2.49
C5' 674 F . -14.28 -17.24 3.68
C6' 674 F . -15.15 -16.99 4.72
O5 674 F . -13.52 -16.82 1.44
O2 674 F . -17.59 -17.85 6.34
CA CA G . -2.49 2.00 17.26
CA CA H . 5.75 -16.99 3.94
N1 GSH I . 2.61 -16.92 -20.94
CA1 GSH I . 2.70 -16.24 -19.61
C1 GSH I . 3.70 -15.09 -19.71
O11 GSH I . 3.49 -14.10 -18.98
O12 GSH I . 4.65 -15.22 -20.53
CB1 GSH I . 3.05 -17.25 -18.51
CG1 GSH I . 3.15 -16.65 -17.12
CD1 GSH I . 3.39 -17.71 -16.06
OE1 GSH I . 3.30 -18.92 -16.31
N2 GSH I . 3.74 -17.28 -14.86
CA2 GSH I . 3.91 -18.20 -13.75
C2 GSH I . 2.89 -18.02 -12.64
O2 GSH I . 2.64 -16.89 -12.26
CB2 GSH I . 5.32 -18.13 -13.16
SG2 GSH I . 6.61 -18.67 -14.30
N3 GSH I . 2.37 -19.13 -12.12
CA3 GSH I . 1.29 -19.09 -11.16
C3 GSH I . 0.19 -20.10 -11.50
O31 GSH I . -0.68 -20.26 -10.65
O32 GSH I . 0.26 -20.69 -12.60
C8A 674 J . 8.43 -20.73 -11.22
C4A 674 J . 7.30 -21.50 -11.59
C4 674 J . 6.15 -21.65 -10.67
C3 674 J . 6.21 -21.00 -9.40
C2 674 J . 7.39 -20.19 -9.02
O1 674 J . 8.54 -20.02 -9.90
C8 674 J . 9.52 -20.59 -12.08
C7 674 J . 9.50 -21.20 -13.31
C6 674 J . 8.37 -21.98 -13.72
C5 674 J . 7.28 -22.14 -12.86
O4 674 J . 10.60 -21.01 -14.12
O3 674 J . 8.33 -22.60 -14.98
C1' 674 J . 5.08 -21.08 -8.38
C2' 674 J . 3.76 -20.97 -8.79
C3' 674 J . 2.73 -21.01 -7.86
C4' 674 J . 3.03 -21.16 -6.51
C5' 674 J . 4.36 -21.26 -6.09
C6' 674 J . 5.40 -21.21 -7.03
O5 674 J . 1.98 -21.22 -5.56
O2 674 J . 5.18 -22.30 -10.97
CA CA K . -9.22 -5.17 -2.14
N1 GSH L . -14.81 18.32 -1.81
CA1 GSH L . -14.04 17.05 -1.91
C1 GSH L . -13.03 17.17 -3.07
O11 GSH L . -13.32 17.93 -4.01
O12 GSH L . -11.96 16.52 -2.97
CB1 GSH L . -14.99 15.87 -2.05
CG1 GSH L . -14.31 14.51 -2.16
CD1 GSH L . -15.31 13.36 -2.18
OE1 GSH L . -16.44 13.49 -1.73
N2 GSH L . -14.89 12.20 -2.71
CA2 GSH L . -15.74 11.02 -2.74
C2 GSH L . -15.33 9.94 -1.73
O2 GSH L . -14.16 9.63 -1.62
CB2 GSH L . -15.79 10.41 -4.13
SG2 GSH L . -16.68 11.42 -5.36
N3 GSH L . -16.32 9.37 -1.05
CA3 GSH L . -16.07 8.41 0.01
C3 GSH L . -16.81 8.78 1.29
O31 GSH L . -17.37 9.89 1.32
O32 GSH L . -16.80 7.93 2.20
C8A 674 M . -18.78 8.05 -6.80
C4A 674 M . -19.35 8.41 -5.55
C4 674 M . -19.27 7.48 -4.40
C3 674 M . -18.61 6.23 -4.58
C2 674 M . -18.02 5.86 -5.89
O1 674 M . -18.08 6.73 -7.04
C8 674 M . -18.86 8.91 -7.89
C7 674 M . -19.50 10.14 -7.73
C6 674 M . -20.09 10.52 -6.48
C5 674 M . -20.01 9.65 -5.39
O4 674 M . -19.56 10.97 -8.84
O3 674 M . -20.72 11.77 -6.34
C1' 674 M . -18.43 5.19 -3.49
C2' 674 M . -18.14 5.56 -2.18
C3' 674 M . -17.96 4.58 -1.21
C4' 674 M . -18.03 3.24 -1.57
C5' 674 M . -18.28 2.88 -2.89
C6' 674 M . -18.46 3.85 -3.85
O5 674 M . -17.83 2.24 -0.62
O2 674 M . -19.75 7.81 -3.37
CA CA N . -0.37 1.45 9.91
CA CA O . -11.68 -6.86 -4.23
CA CA P . -2.41 0.25 13.82
N1 GSH Q . 22.32 1.39 14.53
CA1 GSH Q . 20.94 1.40 13.98
C1 GSH Q . 20.88 2.43 12.85
O11 GSH Q . 20.09 2.22 11.93
O12 GSH Q . 21.66 3.40 12.93
CB1 GSH Q . 19.93 1.72 15.09
CG1 GSH Q . 18.48 1.66 14.63
CD1 GSH Q . 17.50 1.83 15.77
OE1 GSH Q . 17.83 1.62 16.94
N2 GSH Q . 16.27 2.24 15.45
CA2 GSH Q . 15.23 2.35 16.46
C2 GSH Q . 14.18 1.24 16.36
O2 GSH Q . 13.72 0.98 15.26
CB2 GSH Q . 14.54 3.69 16.41
SG2 GSH Q . 15.61 5.10 16.76
N3 GSH Q . 13.81 0.64 17.50
CA3 GSH Q . 12.85 -0.45 17.48
C3 GSH Q . 13.22 -1.59 18.44
O31 GSH Q . 12.47 -2.58 18.48
O32 GSH Q . 14.25 -1.45 19.12
C8A 674 R . 12.65 6.85 19.15
C4A 674 R . 13.17 5.70 19.81
C4 674 R . 12.36 4.50 20.00
C3 674 R . 11.02 4.51 19.51
C2 674 R . 10.46 5.70 18.82
O1 674 R . 11.26 6.88 18.60
C8 674 R . 13.45 7.99 18.96
C7 674 R . 14.77 7.99 19.45
C6 674 R . 15.29 6.83 20.10
C5 674 R . 14.48 5.70 20.29
O4 674 R . 15.54 9.14 19.26
O3 674 R . 16.60 6.79 20.59
C1' 674 R . 10.09 3.34 19.67
C2' 674 R . 8.75 3.64 19.94
C3' 674 R . 7.87 2.59 20.09
C4' 674 R . 8.32 1.28 19.96
C5' 674 R . 9.65 0.99 19.69
C6' 674 R . 10.54 2.03 19.54
O5 674 R . 7.43 0.24 20.13
O2 674 R . 12.79 3.55 20.56
CA CA S . 3.03 -11.40 4.72
CA CA T . 6.38 -13.52 5.32
#